data_3EBB
#
_entry.id   3EBB
#
_cell.length_a   103.384
_cell.length_b   68.651
_cell.length_c   143.975
_cell.angle_alpha   90.00
_cell.angle_beta   103.45
_cell.angle_gamma   90.00
#
_symmetry.space_group_name_H-M   'C 1 2 1'
#
loop_
_entity.id
_entity.type
_entity.pdbx_description
1 polymer 'PHOSPHOLIPASE A2-ACTIVATING PROTEIN'
2 polymer 'TRANSITIONAL ENDOPLASMIC RETICULUM ATPASE (TER ATP'
3 non-polymer 'MAGNESIUM ION'
4 water water
#
loop_
_entity_poly.entity_id
_entity_poly.type
_entity_poly.pdbx_seq_one_letter_code
_entity_poly.pdbx_strand_id
1 'polypeptide(L)'
;(MSE)GSSHHHHHHSSGLVPRGS(MSE)AGVDPFTGNSAYRSAASKT(MSE)NIYFPKKEAVTFDQANPTQILGKLKELN
GTAPEEKKLTEDDLILLEKILSLICNSSSEKPTVQQLQILWKAINCPEDIVFPALDILRLSIKHPSVNENFCNEKEGAQF
SSHLINLLNPKGKPANQLLALRTFCNCFVGQAGQKL(MSE)(MSE)SQRESL(MSE)SHAIELKSGSNKNIHIALATLAL
NYSVCFHKDHNIEGKAQCLSLISTILEVVQDLEATFRLLVALGTLISDDSNAVQLAKSLGVDSQIKKYSSVSEPAKVSEC
CRFILNLL
;
A,B,C,D
2 'polypeptide(L)' TEDNDDDLYG E,F,G,H
#
# COMPACT_ATOMS: atom_id res chain seq x y z
N ASN A 41 28.21 11.75 11.42
CA ASN A 41 27.43 10.60 10.99
C ASN A 41 26.41 10.93 9.91
N ILE A 42 25.89 9.89 9.28
CA ILE A 42 24.96 10.06 8.16
C ILE A 42 23.54 10.39 8.60
N TYR A 43 23.32 10.48 9.90
CA TYR A 43 21.97 10.73 10.46
C TYR A 43 21.69 12.16 10.90
N PHE A 44 22.65 12.77 11.58
CA PHE A 44 22.39 14.09 12.18
C PHE A 44 23.70 14.80 12.49
N PRO A 45 23.67 16.13 12.74
CA PRO A 45 22.50 17.05 12.75
C PRO A 45 22.04 17.39 11.35
N LYS A 46 20.72 17.32 11.11
CA LYS A 46 20.18 17.74 9.82
C LYS A 46 20.28 19.26 9.75
N LYS A 47 20.59 19.78 8.57
CA LYS A 47 20.74 21.21 8.38
C LYS A 47 19.65 21.83 7.50
N GLU A 48 18.79 21.02 6.92
CA GLU A 48 17.68 21.55 6.10
C GLU A 48 16.44 20.75 6.49
N ALA A 49 15.25 21.34 6.26
CA ALA A 49 13.97 20.73 6.62
C ALA A 49 13.77 19.40 5.90
N VAL A 50 13.06 18.48 6.56
CA VAL A 50 12.66 17.24 5.91
C VAL A 50 11.23 17.48 5.42
N THR A 51 10.99 17.18 4.15
CA THR A 51 9.73 17.59 3.51
C THR A 51 8.92 16.42 2.96
N PHE A 52 7.64 16.70 2.70
CA PHE A 52 6.72 15.76 2.07
C PHE A 52 6.51 16.15 0.59
N ASP A 53 7.19 15.43 -0.30
CA ASP A 53 7.41 15.89 -1.67
C ASP A 53 6.59 15.11 -2.68
N GLN A 54 6.05 13.99 -2.22
CA GLN A 54 5.35 13.04 -3.09
C GLN A 54 4.12 13.72 -3.70
N ALA A 55 3.87 13.48 -4.98
CA ALA A 55 2.79 14.18 -5.72
C ALA A 55 2.09 13.30 -6.74
N ASN A 56 0.80 12.97 -6.53
CA ASN A 56 -0.07 12.52 -7.64
C ASN A 56 -1.18 13.54 -7.85
N PRO A 57 -0.90 14.59 -8.65
CA PRO A 57 -1.90 15.61 -8.90
C PRO A 57 -3.16 15.03 -9.53
N THR A 58 -3.02 13.99 -10.36
CA THR A 58 -4.19 13.36 -10.98
C THR A 58 -5.18 12.97 -9.87
N GLN A 59 -4.70 12.27 -8.85
CA GLN A 59 -5.55 11.81 -7.73
C GLN A 59 -6.05 12.95 -6.87
N ILE A 60 -5.20 13.95 -6.62
CA ILE A 60 -5.58 15.12 -5.84
C ILE A 60 -6.74 15.87 -6.52
N LEU A 61 -6.55 16.22 -7.79
CA LEU A 61 -7.57 16.90 -8.60
C LEU A 61 -8.83 16.07 -8.78
N GLY A 62 -8.64 14.78 -9.05
CA GLY A 62 -9.76 13.86 -9.15
C GLY A 62 -10.69 14.00 -7.96
N LYS A 63 -10.12 13.89 -6.76
CA LYS A 63 -10.86 13.83 -5.49
C LYS A 63 -11.45 15.20 -5.12
N LEU A 64 -10.70 16.27 -5.38
CA LEU A 64 -11.18 17.66 -5.26
C LEU A 64 -12.46 17.91 -6.05
N LYS A 65 -12.42 17.56 -7.34
CA LYS A 65 -13.56 17.73 -8.24
C LYS A 65 -14.73 16.85 -7.81
N GLU A 66 -14.45 15.59 -7.47
CA GLU A 66 -15.45 14.64 -6.98
C GLU A 66 -16.17 15.14 -5.72
N LEU A 67 -15.41 15.51 -4.70
CA LEU A 67 -15.96 15.90 -3.41
C LEU A 67 -16.60 17.28 -3.42
N ASN A 68 -16.13 18.17 -4.29
CA ASN A 68 -16.73 19.50 -4.47
C ASN A 68 -18.22 19.41 -4.78
N GLY A 69 -18.62 18.37 -5.52
CA GLY A 69 -20.03 18.11 -5.86
C GLY A 69 -20.91 17.81 -4.66
N THR A 70 -20.32 17.25 -3.62
CA THR A 70 -21.04 16.85 -2.41
C THR A 70 -21.19 18.01 -1.40
N ALA A 71 -20.54 19.13 -1.71
CA ALA A 71 -20.48 20.30 -0.81
C ALA A 71 -21.80 21.04 -0.74
N PRO A 72 -22.12 21.63 0.44
CA PRO A 72 -23.32 22.44 0.51
C PRO A 72 -23.17 23.64 -0.41
N GLU A 73 -24.28 24.04 -1.02
CA GLU A 73 -24.35 24.96 -2.15
C GLU A 73 -23.50 26.22 -2.01
N GLU A 74 -23.62 26.88 -0.86
CA GLU A 74 -22.91 28.14 -0.63
C GLU A 74 -21.38 27.97 -0.51
N LYS A 75 -20.93 26.75 -0.21
CA LYS A 75 -19.49 26.46 -0.05
C LYS A 75 -18.84 25.81 -1.29
N LYS A 76 -19.64 25.43 -2.27
CA LYS A 76 -19.12 24.81 -3.51
C LYS A 76 -18.17 25.74 -4.28
N LEU A 77 -17.02 25.21 -4.67
CA LEU A 77 -16.10 25.94 -5.55
C LEU A 77 -16.66 25.96 -6.97
N THR A 78 -16.55 27.12 -7.62
CA THR A 78 -17.07 27.31 -8.97
C THR A 78 -16.20 26.61 -10.01
N GLU A 79 -16.73 26.50 -11.24
CA GLU A 79 -15.96 25.98 -12.36
C GLU A 79 -14.66 26.75 -12.55
N ASP A 80 -14.74 28.08 -12.46
CA ASP A 80 -13.55 28.95 -12.55
C ASP A 80 -12.55 28.71 -11.43
N ASP A 81 -13.02 28.57 -10.19
CA ASP A 81 -12.13 28.26 -9.04
C ASP A 81 -11.32 26.99 -9.31
N LEU A 82 -11.98 25.96 -9.82
CA LEU A 82 -11.35 24.67 -10.09
C LEU A 82 -10.26 24.75 -11.14
N ILE A 83 -10.52 25.56 -12.17
CA ILE A 83 -9.54 25.82 -13.22
C ILE A 83 -8.29 26.48 -12.59
N LEU A 84 -8.52 27.44 -11.70
CA LEU A 84 -7.41 28.12 -11.05
C LEU A 84 -6.61 27.19 -10.12
N LEU A 85 -7.29 26.31 -9.41
CA LEU A 85 -6.57 25.33 -8.56
C LEU A 85 -5.73 24.38 -9.38
N GLU A 86 -6.26 23.93 -10.51
CA GLU A 86 -5.50 23.13 -11.46
C GLU A 86 -4.26 23.87 -11.96
N LYS A 87 -4.39 25.18 -12.20
CA LYS A 87 -3.30 25.99 -12.67
C LYS A 87 -2.17 26.05 -11.63
N ILE A 88 -2.52 26.19 -10.34
CA ILE A 88 -1.52 26.12 -9.28
C ILE A 88 -0.74 24.81 -9.30
N LEU A 89 -1.48 23.70 -9.41
CA LEU A 89 -0.90 22.39 -9.35
C LEU A 89 0.00 22.19 -10.57
N SER A 90 -0.44 22.69 -11.73
CA SER A 90 0.38 22.65 -12.96
C SER A 90 1.73 23.32 -12.77
N LEU A 91 1.70 24.55 -12.24
CA LEU A 91 2.90 25.35 -12.00
C LEU A 91 3.85 24.65 -11.03
N ILE A 92 3.30 24.13 -9.94
CA ILE A 92 4.11 23.42 -8.95
C ILE A 92 4.66 22.10 -9.52
N CYS A 93 3.78 21.28 -10.11
CA CYS A 93 4.21 19.95 -10.57
C CYS A 93 5.18 19.95 -11.74
N ASN A 94 5.13 20.98 -12.56
CA ASN A 94 6.06 21.13 -13.64
C ASN A 94 7.31 21.92 -13.28
N SER A 95 7.42 22.30 -12.00
CA SER A 95 8.49 23.20 -11.50
C SER A 95 8.66 24.46 -12.33
N SER A 96 7.55 25.13 -12.65
CA SER A 96 7.63 26.37 -13.45
C SER A 96 8.42 27.49 -12.78
N SER A 97 8.97 28.39 -13.60
CA SER A 97 9.65 29.60 -13.13
C SER A 97 8.67 30.75 -12.87
N GLU A 98 7.40 30.54 -13.24
CA GLU A 98 6.34 31.52 -13.05
C GLU A 98 5.70 31.39 -11.67
N LYS A 99 5.31 32.52 -11.09
CA LYS A 99 4.68 32.56 -9.77
C LYS A 99 3.18 32.33 -9.92
N PRO A 100 2.56 31.62 -8.95
CA PRO A 100 1.09 31.62 -8.93
C PRO A 100 0.59 33.04 -8.75
N THR A 101 -0.59 33.31 -9.29
CA THR A 101 -1.15 34.65 -9.22
C THR A 101 -1.78 34.83 -7.84
N VAL A 102 -1.98 36.08 -7.43
CA VAL A 102 -2.65 36.35 -6.18
C VAL A 102 -4.10 35.80 -6.24
N GLN A 103 -4.72 35.84 -7.42
CA GLN A 103 -6.07 35.31 -7.60
C GLN A 103 -6.08 33.82 -7.28
N GLN A 104 -5.09 33.10 -7.79
CA GLN A 104 -4.98 31.65 -7.58
C GLN A 104 -4.81 31.32 -6.10
N LEU A 105 -4.01 32.11 -5.42
CA LEU A 105 -3.78 31.94 -3.99
C LEU A 105 -5.01 32.29 -3.15
N GLN A 106 -5.78 33.30 -3.56
CA GLN A 106 -7.06 33.58 -2.87
C GLN A 106 -8.00 32.38 -2.99
N ILE A 107 -7.99 31.74 -4.17
CA ILE A 107 -8.85 30.58 -4.40
C ILE A 107 -8.39 29.42 -3.56
N LEU A 108 -7.08 29.25 -3.45
CA LEU A 108 -6.54 28.21 -2.56
C LEU A 108 -6.98 28.45 -1.12
N TRP A 109 -6.93 29.71 -0.67
CA TRP A 109 -7.45 30.03 0.66
C TRP A 109 -8.91 29.66 0.79
N LYS A 110 -9.69 29.99 -0.24
CA LYS A 110 -11.12 29.67 -0.23
C LYS A 110 -11.31 28.14 -0.12
N ALA A 111 -10.55 27.41 -0.93
CA ALA A 111 -10.61 25.97 -0.97
C ALA A 111 -10.27 25.27 0.35
N ILE A 112 -9.28 25.77 1.09
CA ILE A 112 -8.92 25.13 2.38
C ILE A 112 -9.85 25.54 3.53
N ASN A 113 -10.78 26.43 3.22
CA ASN A 113 -11.86 26.81 4.12
C ASN A 113 -13.22 26.16 3.81
N CYS A 114 -13.21 25.16 2.93
CA CYS A 114 -14.40 24.39 2.61
C CYS A 114 -14.73 23.42 3.76
N PRO A 115 -15.90 22.75 3.70
CA PRO A 115 -16.28 21.91 4.84
C PRO A 115 -15.23 20.87 5.20
N GLU A 116 -15.00 20.71 6.50
CA GLU A 116 -13.91 19.86 7.00
C GLU A 116 -13.96 18.42 6.46
N ASP A 117 -15.14 17.94 6.13
CA ASP A 117 -15.26 16.58 5.62
C ASP A 117 -14.78 16.40 4.18
N ILE A 118 -14.66 17.50 3.43
CA ILE A 118 -14.24 17.39 2.01
C ILE A 118 -13.02 18.28 1.67
N VAL A 119 -12.38 18.81 2.69
CA VAL A 119 -11.30 19.76 2.46
C VAL A 119 -9.95 19.10 2.16
N PHE A 120 -9.75 17.83 2.50
CA PHE A 120 -8.41 17.23 2.33
C PHE A 120 -7.71 17.37 0.93
N PRO A 121 -8.44 17.23 -0.21
CA PRO A 121 -7.70 17.45 -1.48
C PRO A 121 -7.09 18.86 -1.58
N ALA A 122 -7.81 19.87 -1.12
CA ALA A 122 -7.31 21.23 -1.19
C ALA A 122 -6.13 21.40 -0.24
N LEU A 123 -6.21 20.74 0.92
CA LEU A 123 -5.08 20.75 1.86
C LEU A 123 -3.82 20.13 1.23
N ASP A 124 -4.03 19.09 0.42
CA ASP A 124 -2.94 18.44 -0.30
C ASP A 124 -2.30 19.37 -1.34
N ILE A 125 -3.11 20.18 -2.05
CA ILE A 125 -2.57 21.19 -2.96
C ILE A 125 -1.73 22.20 -2.16
N LEU A 126 -2.27 22.64 -1.03
CA LEU A 126 -1.52 23.54 -0.14
C LEU A 126 -0.21 22.91 0.33
N ARG A 127 -0.28 21.64 0.72
CA ARG A 127 0.90 20.91 1.21
C ARG A 127 2.00 20.91 0.14
N LEU A 128 1.63 20.71 -1.11
CA LEU A 128 2.62 20.74 -2.20
C LEU A 128 3.09 22.15 -2.50
N SER A 129 2.15 23.09 -2.47
CA SER A 129 2.40 24.49 -2.94
C SER A 129 3.20 25.35 -1.97
N ILE A 130 3.07 25.07 -0.69
CA ILE A 130 3.59 25.92 0.36
C ILE A 130 5.12 25.95 0.33
N LYS A 131 5.75 24.98 -0.34
CA LYS A 131 7.24 25.00 -0.51
C LYS A 131 7.71 26.07 -1.51
N HIS A 132 6.83 26.44 -2.45
CA HIS A 132 7.20 27.42 -3.49
C HIS A 132 7.39 28.76 -2.80
N PRO A 133 8.52 29.45 -3.08
CA PRO A 133 8.79 30.70 -2.36
C PRO A 133 7.66 31.75 -2.36
N SER A 134 6.97 31.98 -3.46
CA SER A 134 5.93 33.03 -3.44
C SER A 134 4.67 32.61 -2.68
N VAL A 135 4.36 31.32 -2.71
CA VAL A 135 3.25 30.75 -1.93
C VAL A 135 3.59 30.79 -0.43
N ASN A 136 4.82 30.40 -0.12
CA ASN A 136 5.34 30.42 1.24
C ASN A 136 5.22 31.82 1.87
N GLU A 137 5.72 32.82 1.14
CA GLU A 137 5.62 34.22 1.56
C GLU A 137 4.15 34.74 1.64
N ASN A 138 3.30 34.34 0.71
N ASN A 138 3.31 34.37 0.68
CA ASN A 138 1.91 34.81 0.70
CA ASN A 138 1.90 34.77 0.72
C ASN A 138 1.03 34.26 1.85
C ASN A 138 1.20 34.33 2.01
N PHE A 139 1.32 33.05 2.34
CA PHE A 139 0.60 32.48 3.50
C PHE A 139 1.29 32.66 4.85
N CYS A 140 2.62 32.77 4.84
CA CYS A 140 3.35 32.76 6.11
C CYS A 140 3.97 34.07 6.56
N ASN A 141 3.76 35.15 5.80
CA ASN A 141 4.36 36.44 6.12
C ASN A 141 3.87 36.98 7.47
N GLU A 142 4.57 38.00 7.99
CA GLU A 142 4.29 38.54 9.33
C GLU A 142 2.87 39.08 9.47
N LYS A 143 2.30 39.60 8.38
CA LYS A 143 0.99 40.25 8.45
C LYS A 143 -0.16 39.28 8.57
N GLU A 144 -0.07 38.17 7.83
CA GLU A 144 -1.19 37.28 7.63
C GLU A 144 -0.91 35.88 8.14
N GLY A 145 0.34 35.66 8.55
CA GLY A 145 0.79 34.33 8.94
C GLY A 145 -0.02 33.74 10.07
N ALA A 146 -0.37 34.55 11.08
CA ALA A 146 -1.10 34.04 12.25
C ALA A 146 -2.50 33.50 11.92
N GLN A 147 -3.17 34.16 10.98
CA GLN A 147 -4.46 33.71 10.44
C GLN A 147 -4.31 32.37 9.73
N PHE A 148 -3.23 32.22 8.97
CA PHE A 148 -2.99 30.94 8.31
C PHE A 148 -2.68 29.81 9.30
N SER A 149 -1.73 30.05 10.20
CA SER A 149 -1.40 29.05 11.18
C SER A 149 -2.61 28.69 12.09
N SER A 150 -3.42 29.68 12.46
CA SER A 150 -4.56 29.40 13.37
C SER A 150 -5.55 28.43 12.71
N HIS A 151 -5.78 28.62 11.42
CA HIS A 151 -6.73 27.80 10.67
C HIS A 151 -6.26 26.35 10.64
N LEU A 152 -4.98 26.16 10.29
CA LEU A 152 -4.38 24.83 10.27
C LEU A 152 -4.31 24.19 11.65
N ILE A 153 -3.99 24.98 12.68
CA ILE A 153 -4.03 24.48 14.05
C ILE A 153 -5.40 23.91 14.42
N ASN A 154 -6.47 24.57 13.97
CA ASN A 154 -7.84 24.12 14.25
C ASN A 154 -8.08 22.76 13.63
N LEU A 155 -7.44 22.50 12.49
CA LEU A 155 -7.59 21.22 11.79
C LEU A 155 -6.81 20.10 12.44
N LEU A 156 -5.99 20.40 13.45
CA LEU A 156 -5.28 19.39 14.23
C LEU A 156 -6.14 18.74 15.33
N ASN A 157 -7.31 19.30 15.61
CA ASN A 157 -8.14 18.82 16.73
C ASN A 157 -8.29 17.31 16.54
N PRO A 158 -7.87 16.51 17.56
CA PRO A 158 -7.99 15.06 17.46
C PRO A 158 -9.41 14.54 17.31
N LYS A 159 -10.40 15.34 17.65
CA LYS A 159 -11.80 14.95 17.44
C LYS A 159 -12.23 15.16 15.98
N GLY A 160 -11.35 15.77 15.18
CA GLY A 160 -11.62 16.07 13.78
C GLY A 160 -11.25 14.90 12.90
N LYS A 161 -11.02 15.18 11.62
CA LYS A 161 -10.82 14.16 10.60
C LYS A 161 -9.33 13.88 10.45
N PRO A 162 -8.92 12.61 10.58
CA PRO A 162 -7.51 12.25 10.43
C PRO A 162 -6.84 12.67 9.12
N ALA A 163 -7.53 12.66 7.98
CA ALA A 163 -6.86 13.19 6.76
C ALA A 163 -6.46 14.68 6.92
N ASN A 164 -7.32 15.45 7.60
CA ASN A 164 -7.06 16.87 7.87
C ASN A 164 -5.92 17.04 8.85
N GLN A 165 -5.90 16.22 9.90
CA GLN A 165 -4.78 16.28 10.86
C GLN A 165 -3.46 16.02 10.14
N LEU A 166 -3.43 14.96 9.33
CA LEU A 166 -2.23 14.55 8.61
C LEU A 166 -1.71 15.61 7.65
N LEU A 167 -2.60 16.14 6.82
CA LEU A 167 -2.22 17.14 5.82
C LEU A 167 -1.86 18.50 6.41
N ALA A 168 -2.51 18.87 7.49
CA ALA A 168 -2.12 20.09 8.19
C ALA A 168 -0.72 19.93 8.77
N LEU A 169 -0.41 18.76 9.33
CA LEU A 169 0.94 18.51 9.83
C LEU A 169 1.99 18.51 8.71
N ARG A 170 1.70 17.83 7.61
CA ARG A 170 2.65 17.79 6.49
C ARG A 170 2.87 19.17 5.89
N THR A 171 1.81 19.97 5.87
CA THR A 171 1.87 21.35 5.37
C THR A 171 2.79 22.19 6.27
N PHE A 172 2.59 22.10 7.58
CA PHE A 172 3.49 22.74 8.55
C PHE A 172 4.93 22.25 8.37
N CYS A 173 5.16 20.94 8.18
CA CYS A 173 6.53 20.49 7.91
C CYS A 173 7.08 21.18 6.67
N ASN A 174 6.25 21.29 5.62
CA ASN A 174 6.73 21.85 4.36
C ASN A 174 6.98 23.36 4.38
N CYS A 175 6.31 24.11 5.24
N CYS A 175 6.27 24.07 5.26
CA CYS A 175 6.53 25.55 5.25
CA CYS A 175 6.46 25.51 5.52
C CYS A 175 7.89 25.93 5.87
C CYS A 175 7.91 25.84 5.76
N PHE A 176 8.60 24.95 6.47
CA PHE A 176 9.97 25.21 6.95
C PHE A 176 11.02 25.46 5.87
N VAL A 177 10.72 25.13 4.62
CA VAL A 177 11.70 25.30 3.57
C VAL A 177 11.89 26.78 3.24
N GLY A 178 10.89 27.60 3.57
CA GLY A 178 10.95 29.03 3.19
C GLY A 178 11.24 29.88 4.40
N GLN A 179 11.94 30.99 4.19
CA GLN A 179 12.25 31.92 5.28
C GLN A 179 11.00 32.37 6.07
N ALA A 180 9.92 32.69 5.36
CA ALA A 180 8.71 33.18 6.05
C ALA A 180 8.04 32.10 6.88
N GLY A 181 7.95 30.88 6.34
CA GLY A 181 7.42 29.72 7.07
C GLY A 181 8.26 29.44 8.30
N GLN A 182 9.58 29.44 8.13
CA GLN A 182 10.44 29.24 9.31
C GLN A 182 10.11 30.23 10.42
N LYS A 183 10.06 31.51 10.09
CA LYS A 183 9.76 32.56 11.07
C LYS A 183 8.39 32.40 11.74
N LEU A 184 7.38 32.05 10.94
CA LEU A 184 6.03 31.80 11.48
C LEU A 184 6.00 30.58 12.41
N SER A 187 7.48 31.73 15.70
CA SER A 187 6.57 32.61 16.43
C SER A 187 5.34 31.87 16.97
N GLN A 188 4.87 30.83 16.27
CA GLN A 188 3.67 30.12 16.71
C GLN A 188 4.01 28.81 17.45
N ARG A 189 5.29 28.63 17.73
CA ARG A 189 5.80 27.36 18.25
C ARG A 189 4.99 26.87 19.45
N GLU A 190 4.85 27.67 20.50
CA GLU A 190 4.21 27.16 21.73
C GLU A 190 2.86 26.57 21.39
N SER A 191 2.04 27.31 20.65
CA SER A 191 0.70 26.86 20.30
C SER A 191 0.69 25.66 19.39
N LEU A 192 1.51 25.72 18.34
CA LEU A 192 1.59 24.60 17.39
C LEU A 192 1.97 23.27 18.04
N SER A 194 1.87 22.47 21.22
CA SER A 194 0.91 22.07 22.25
C SER A 194 -0.29 21.40 21.63
N HIS A 195 -0.71 21.89 20.47
CA HIS A 195 -1.83 21.27 19.77
C HIS A 195 -1.41 19.98 19.06
N ALA A 196 -0.18 19.95 18.53
CA ALA A 196 0.29 18.74 17.85
C ALA A 196 0.46 17.56 18.82
N ILE A 197 1.07 17.83 19.98
CA ILE A 197 1.18 16.92 21.13
C ILE A 197 -0.11 16.09 21.40
N GLU A 198 -1.26 16.73 21.26
CA GLU A 198 -2.55 16.10 21.59
C GLU A 198 -2.94 15.01 20.60
N LEU A 199 -2.23 14.94 19.46
CA LEU A 199 -2.48 13.90 18.49
C LEU A 199 -1.74 12.61 18.80
N LYS A 200 -1.08 12.52 19.95
CA LYS A 200 -0.27 11.35 20.23
C LYS A 200 -1.10 10.09 20.53
N SER A 201 -2.34 10.28 20.99
CA SER A 201 -3.21 9.17 21.39
C SER A 201 -4.20 8.81 20.31
N GLY A 202 -4.33 7.53 20.02
CA GLY A 202 -5.32 7.03 19.06
C GLY A 202 -5.20 7.60 17.67
N SER A 203 -3.95 7.82 17.23
CA SER A 203 -3.63 8.34 15.90
C SER A 203 -2.95 7.24 15.06
N ASN A 204 -2.97 7.40 13.75
CA ASN A 204 -2.43 6.39 12.85
C ASN A 204 -0.93 6.61 12.65
N LYS A 205 -0.24 5.65 12.02
CA LYS A 205 1.23 5.74 11.88
C LYS A 205 1.68 6.91 11.00
N ASN A 206 0.86 7.28 10.00
CA ASN A 206 1.18 8.41 9.17
C ASN A 206 1.14 9.72 9.92
N ILE A 207 0.19 9.84 10.83
CA ILE A 207 0.23 10.96 11.77
C ILE A 207 1.45 10.92 12.68
N HIS A 208 1.83 9.77 13.19
CA HIS A 208 3.08 9.72 13.98
C HIS A 208 4.32 10.12 13.18
N ILE A 209 4.38 9.71 11.92
CA ILE A 209 5.50 10.08 11.05
C ILE A 209 5.55 11.62 10.86
N ALA A 210 4.39 12.23 10.58
CA ALA A 210 4.31 13.68 10.42
C ALA A 210 4.63 14.45 11.70
N LEU A 211 4.15 13.95 12.85
CA LEU A 211 4.53 14.55 14.13
C LEU A 211 6.02 14.50 14.36
N ALA A 212 6.61 13.33 14.12
CA ALA A 212 8.06 13.12 14.22
C ALA A 212 8.81 14.09 13.30
N THR A 213 8.31 14.27 12.07
CA THR A 213 8.95 15.17 11.11
C THR A 213 8.82 16.64 11.55
N LEU A 214 7.67 16.99 12.15
CA LEU A 214 7.49 18.34 12.72
C LEU A 214 8.56 18.64 13.78
N ALA A 215 8.75 17.72 14.72
CA ALA A 215 9.80 17.88 15.73
C ALA A 215 11.18 17.99 15.04
N LEU A 216 11.39 17.19 13.97
CA LEU A 216 12.68 17.18 13.25
C LEU A 216 12.93 18.58 12.67
N ASN A 217 11.93 19.10 11.97
CA ASN A 217 12.10 20.39 11.33
C ASN A 217 12.28 21.55 12.33
N TYR A 218 11.60 21.48 13.47
CA TYR A 218 11.90 22.40 14.57
C TYR A 218 13.35 22.26 15.09
N SER A 219 13.82 21.01 15.28
CA SER A 219 15.18 20.74 15.73
C SER A 219 16.24 21.40 14.84
N VAL A 220 16.05 21.29 13.52
CA VAL A 220 16.92 21.95 12.53
C VAL A 220 17.05 23.46 12.81
N CYS A 221 15.93 24.09 13.14
CA CYS A 221 15.93 25.52 13.46
C CYS A 221 16.64 25.86 14.76
N PHE A 222 16.30 25.14 15.83
CA PHE A 222 16.96 25.34 17.12
C PHE A 222 18.44 24.96 17.11
N HIS A 223 18.83 23.93 16.37
CA HIS A 223 20.25 23.57 16.27
C HIS A 223 21.06 24.76 15.74
N LYS A 224 20.51 25.42 14.72
CA LYS A 224 21.17 26.54 14.04
C LYS A 224 21.14 27.83 14.88
N ASP A 225 20.15 27.93 15.76
CA ASP A 225 20.01 29.05 16.68
C ASP A 225 19.43 28.55 17.99
N HIS A 226 20.30 28.36 18.99
CA HIS A 226 19.90 27.84 20.30
C HIS A 226 18.91 28.74 21.06
N ASN A 227 17.63 28.33 21.03
CA ASN A 227 16.56 28.87 21.89
C ASN A 227 16.18 27.78 22.87
N ILE A 228 16.50 27.97 24.15
CA ILE A 228 16.41 26.87 25.09
C ILE A 228 14.98 26.42 25.42
N GLU A 229 14.06 27.38 25.58
CA GLU A 229 12.65 27.09 25.86
C GLU A 229 12.03 26.35 24.67
N GLY A 230 12.45 26.70 23.46
CA GLY A 230 11.98 26.03 22.26
C GLY A 230 12.51 24.61 22.22
N LYS A 231 13.81 24.47 22.49
CA LYS A 231 14.44 23.16 22.54
C LYS A 231 13.82 22.30 23.60
N ALA A 232 13.51 22.89 24.76
CA ALA A 232 12.81 22.18 25.84
C ALA A 232 11.47 21.61 25.35
N GLN A 233 10.68 22.42 24.64
CA GLN A 233 9.35 21.94 24.23
C GLN A 233 9.50 20.86 23.16
N CYS A 234 10.47 21.05 22.27
CA CYS A 234 10.76 20.04 21.27
C CYS A 234 11.16 18.70 21.90
N LEU A 235 12.01 18.75 22.92
CA LEU A 235 12.36 17.55 23.67
C LEU A 235 11.15 16.91 24.38
N SER A 236 10.25 17.74 24.91
CA SER A 236 8.98 17.26 25.46
C SER A 236 8.11 16.55 24.41
N LEU A 237 7.99 17.13 23.21
CA LEU A 237 7.25 16.52 22.09
C LEU A 237 7.89 15.16 21.74
N ILE A 238 9.22 15.15 21.57
CA ILE A 238 9.96 13.91 21.22
C ILE A 238 9.71 12.79 22.27
N SER A 239 9.94 13.09 23.55
CA SER A 239 9.73 12.16 24.66
C SER A 239 8.30 11.61 24.70
N THR A 240 7.33 12.49 24.54
CA THR A 240 5.93 12.11 24.59
C THR A 240 5.56 11.14 23.49
N ILE A 241 5.97 11.43 22.26
CA ILE A 241 5.66 10.55 21.13
C ILE A 241 6.42 9.22 21.24
N LEU A 242 7.66 9.26 21.72
CA LEU A 242 8.44 8.02 21.93
C LEU A 242 7.76 7.04 22.90
N GLU A 243 7.05 7.56 23.90
CA GLU A 243 6.31 6.74 24.85
C GLU A 243 5.21 5.92 24.18
N VAL A 244 4.78 6.36 23.01
CA VAL A 244 3.56 5.86 22.37
C VAL A 244 3.88 5.17 21.04
N VAL A 245 4.86 5.72 20.34
CA VAL A 245 5.13 5.37 18.95
C VAL A 245 5.59 3.92 18.77
N GLN A 246 5.03 3.27 17.75
CA GLN A 246 5.42 1.92 17.37
C GLN A 246 6.02 1.84 15.96
N ASP A 247 5.60 2.73 15.06
CA ASP A 247 6.12 2.74 13.68
C ASP A 247 7.59 3.11 13.63
N LEU A 248 8.36 2.33 12.88
CA LEU A 248 9.81 2.51 12.89
C LEU A 248 10.34 3.72 12.08
N GLU A 249 9.66 4.12 11.00
CA GLU A 249 10.00 5.39 10.34
C GLU A 249 9.75 6.59 11.26
N ALA A 250 8.65 6.56 12.04
CA ALA A 250 8.37 7.64 12.97
C ALA A 250 9.46 7.65 14.05
N THR A 251 9.77 6.46 14.54
CA THR A 251 10.82 6.26 15.53
C THR A 251 12.15 6.81 15.00
N PHE A 252 12.51 6.45 13.78
CA PHE A 252 13.76 6.96 13.19
C PHE A 252 13.81 8.50 13.14
N ARG A 253 12.72 9.12 12.68
CA ARG A 253 12.72 10.59 12.56
C ARG A 253 12.78 11.28 13.92
N LEU A 254 12.21 10.66 14.94
CA LEU A 254 12.31 11.19 16.31
C LEU A 254 13.76 11.10 16.79
N LEU A 255 14.43 10.00 16.51
CA LEU A 255 15.87 9.87 16.86
C LEU A 255 16.72 10.91 16.12
N VAL A 256 16.46 11.13 14.83
CA VAL A 256 17.18 12.17 14.07
C VAL A 256 16.95 13.56 14.65
N ALA A 257 15.70 13.84 15.04
CA ALA A 257 15.36 15.10 15.70
C ALA A 257 16.12 15.26 17.03
N LEU A 258 16.12 14.22 17.86
CA LEU A 258 16.81 14.26 19.14
C LEU A 258 18.31 14.51 18.95
N GLY A 259 18.94 13.75 18.05
CA GLY A 259 20.35 13.94 17.68
C GLY A 259 20.63 15.36 17.22
N THR A 260 19.78 15.88 16.34
CA THR A 260 19.91 17.27 15.88
C THR A 260 19.81 18.31 17.02
N LEU A 261 18.88 18.09 17.94
CA LEU A 261 18.70 18.98 19.11
C LEU A 261 19.90 19.05 20.05
N ILE A 262 20.45 17.89 20.38
CA ILE A 262 21.47 17.80 21.40
C ILE A 262 22.90 17.99 20.87
N SER A 263 23.04 18.12 19.56
CA SER A 263 24.36 18.34 18.94
C SER A 263 24.93 19.70 19.30
N ASP A 264 26.11 19.69 19.91
CA ASP A 264 26.82 20.94 20.23
C ASP A 264 26.10 21.82 21.28
N ASP A 265 25.17 21.25 22.02
CA ASP A 265 24.37 22.01 22.98
C ASP A 265 24.24 21.27 24.31
N SER A 266 25.07 21.65 25.27
CA SER A 266 25.12 21.00 26.58
C SER A 266 23.86 21.23 27.38
N ASN A 267 23.22 22.38 27.18
CA ASN A 267 21.92 22.64 27.80
C ASN A 267 20.83 21.70 27.33
N ALA A 268 20.81 21.39 26.02
CA ALA A 268 19.81 20.47 25.48
C ALA A 268 20.01 19.05 26.01
N VAL A 269 21.28 18.64 26.15
CA VAL A 269 21.63 17.36 26.77
C VAL A 269 21.10 17.33 28.20
N GLN A 270 21.42 18.39 28.95
CA GLN A 270 20.95 18.55 30.31
C GLN A 270 19.42 18.36 30.40
N LEU A 271 18.65 19.07 29.57
CA LEU A 271 17.18 18.93 29.56
C LEU A 271 16.68 17.53 29.14
N ALA A 272 17.33 16.94 28.13
CA ALA A 272 17.05 15.58 27.70
C ALA A 272 17.18 14.60 28.87
N LYS A 273 18.21 14.79 29.67
CA LYS A 273 18.46 14.01 30.88
C LYS A 273 17.32 14.14 31.89
N SER A 274 16.81 15.35 32.07
CA SER A 274 15.79 15.61 33.08
C SER A 274 14.51 14.88 32.72
N LEU A 275 14.22 14.80 31.42
CA LEU A 275 13.07 14.06 30.92
C LEU A 275 13.24 12.54 30.86
N GLY A 276 14.45 12.05 31.14
CA GLY A 276 14.76 10.63 31.03
C GLY A 276 14.85 10.12 29.60
N VAL A 277 15.16 10.99 28.66
CA VAL A 277 15.17 10.58 27.24
C VAL A 277 16.30 9.58 27.00
N ASP A 278 17.40 9.74 27.74
CA ASP A 278 18.55 8.86 27.66
C ASP A 278 18.18 7.39 27.95
N SER A 279 17.34 7.14 28.95
CA SER A 279 16.90 5.79 29.25
C SER A 279 15.78 5.35 28.31
N GLN A 280 14.99 6.31 27.84
CA GLN A 280 13.88 6.02 26.93
C GLN A 280 14.36 5.40 25.62
N ILE A 281 15.48 5.90 25.10
CA ILE A 281 15.87 5.47 23.76
C ILE A 281 16.66 4.17 23.77
N LYS A 282 16.94 3.64 24.96
CA LYS A 282 17.77 2.44 25.04
C LYS A 282 17.15 1.24 24.37
N LYS A 283 15.81 1.13 24.38
CA LYS A 283 15.15 0.01 23.69
C LYS A 283 15.50 -0.03 22.19
N TYR A 284 15.86 1.10 21.62
CA TYR A 284 16.08 1.14 20.17
C TYR A 284 17.45 0.57 19.72
N SER A 285 18.33 0.30 20.69
CA SER A 285 19.62 -0.33 20.43
C SER A 285 19.51 -1.74 19.88
N SER A 286 18.39 -2.40 20.16
CA SER A 286 18.19 -3.81 19.83
C SER A 286 17.27 -4.03 18.63
N VAL A 287 17.04 -2.96 17.86
CA VAL A 287 16.23 -3.06 16.65
C VAL A 287 17.10 -3.56 15.50
N SER A 288 16.79 -4.75 15.00
CA SER A 288 17.48 -5.30 13.84
C SER A 288 17.17 -4.45 12.60
N GLU A 289 15.93 -4.54 12.13
CA GLU A 289 15.50 -3.88 10.88
C GLU A 289 14.44 -2.78 11.12
N PRO A 290 14.60 -1.62 10.45
CA PRO A 290 15.76 -1.22 9.66
C PRO A 290 16.96 -0.82 10.53
N ALA A 291 18.15 -1.18 10.07
CA ALA A 291 19.39 -0.90 10.81
C ALA A 291 19.57 0.57 11.18
N LYS A 292 18.99 1.47 10.40
CA LYS A 292 19.13 2.91 10.62
C LYS A 292 18.64 3.34 12.00
N VAL A 293 17.63 2.66 12.54
CA VAL A 293 17.17 2.97 13.89
C VAL A 293 18.23 2.72 14.99
N SER A 294 18.78 1.52 15.06
CA SER A 294 19.77 1.21 16.09
C SER A 294 21.07 2.00 15.87
N GLU A 295 21.43 2.23 14.60
CA GLU A 295 22.66 2.96 14.27
C GLU A 295 22.57 4.41 14.73
N CYS A 296 21.46 5.06 14.41
CA CYS A 296 21.20 6.43 14.88
C CYS A 296 21.17 6.48 16.42
N CYS A 297 20.48 5.53 17.03
CA CYS A 297 20.42 5.47 18.49
C CYS A 297 21.80 5.34 19.14
N ARG A 298 22.65 4.50 18.57
CA ARG A 298 24.01 4.35 19.07
C ARG A 298 24.81 5.66 19.05
N PHE A 299 24.65 6.49 18.00
CA PHE A 299 25.32 7.81 17.97
C PHE A 299 24.75 8.75 19.04
N ILE A 300 23.44 8.71 19.24
CA ILE A 300 22.80 9.51 20.30
C ILE A 300 23.23 9.08 21.69
N LEU A 301 23.22 7.79 21.97
CA LEU A 301 23.68 7.29 23.27
C LEU A 301 25.15 7.69 23.59
N ASN A 302 25.94 7.95 22.55
CA ASN A 302 27.32 8.45 22.75
C ASN A 302 27.37 9.90 23.27
N LEU A 303 26.29 10.65 23.03
CA LEU A 303 26.21 12.07 23.43
C LEU A 303 25.45 12.25 24.74
N LEU A 304 24.69 11.22 25.11
CA LEU A 304 23.83 11.24 26.30
C LEU A 304 24.45 10.40 27.43
N ASN B 41 -0.49 21.93 -18.31
CA ASN B 41 -1.45 21.13 -17.58
C ASN B 41 -0.64 20.47 -16.46
N ILE B 42 -1.25 19.59 -15.67
CA ILE B 42 -0.53 19.03 -14.52
C ILE B 42 0.56 17.99 -14.86
N TYR B 43 0.71 17.64 -16.14
CA TYR B 43 1.67 16.61 -16.58
C TYR B 43 2.92 17.17 -17.24
N PHE B 44 2.74 18.21 -18.06
CA PHE B 44 3.81 18.72 -18.92
C PHE B 44 3.46 20.14 -19.38
N PRO B 45 4.45 20.87 -19.92
CA PRO B 45 5.87 20.49 -20.07
C PRO B 45 6.64 20.68 -18.75
N LYS B 46 7.44 19.67 -18.39
CA LYS B 46 8.33 19.78 -17.24
C LYS B 46 9.40 20.83 -17.54
N LYS B 47 9.70 21.66 -16.53
N LYS B 47 9.71 21.65 -16.52
CA LYS B 47 10.67 22.74 -16.70
CA LYS B 47 10.65 22.75 -16.67
C LYS B 47 11.99 22.43 -16.00
C LYS B 47 11.99 22.43 -16.00
N GLU B 48 12.03 21.33 -15.26
CA GLU B 48 13.24 20.92 -14.53
C GLU B 48 13.34 19.39 -14.57
N ALA B 49 14.55 18.87 -14.32
CA ALA B 49 14.85 17.45 -14.44
C ALA B 49 14.05 16.63 -13.44
N VAL B 50 13.63 15.42 -13.82
CA VAL B 50 13.01 14.48 -12.86
C VAL B 50 14.13 13.59 -12.31
N THR B 51 14.18 13.47 -10.99
CA THR B 51 15.35 12.89 -10.36
C THR B 51 15.00 11.70 -9.48
N PHE B 52 16.04 10.95 -9.13
CA PHE B 52 15.94 9.84 -8.19
C PHE B 52 16.57 10.27 -6.86
N ASP B 53 15.70 10.63 -5.91
CA ASP B 53 16.10 11.31 -4.67
C ASP B 53 16.04 10.44 -3.42
N GLN B 54 15.50 9.23 -3.55
CA GLN B 54 15.36 8.35 -2.38
C GLN B 54 16.73 8.17 -1.74
N ALA B 55 16.82 8.47 -0.45
CA ALA B 55 18.09 8.41 0.30
C ALA B 55 18.06 7.34 1.38
N ASN B 56 18.84 6.27 1.17
CA ASN B 56 18.89 5.15 2.09
C ASN B 56 20.35 4.89 2.51
N PRO B 57 21.02 5.90 3.11
CA PRO B 57 22.46 5.85 3.24
C PRO B 57 22.92 4.69 4.11
N THR B 58 22.14 4.30 5.12
CA THR B 58 22.54 3.18 5.99
C THR B 58 22.70 1.92 5.12
N GLN B 59 21.71 1.67 4.25
CA GLN B 59 21.69 0.44 3.43
C GLN B 59 22.87 0.49 2.45
N ILE B 60 23.05 1.65 1.84
CA ILE B 60 24.11 1.84 0.85
C ILE B 60 25.46 1.58 1.47
N LEU B 61 25.70 2.24 2.60
CA LEU B 61 27.03 2.17 3.25
C LEU B 61 27.26 0.75 3.77
N GLY B 62 26.19 0.14 4.30
CA GLY B 62 26.26 -1.24 4.76
C GLY B 62 26.73 -2.22 3.68
N LYS B 63 26.05 -2.19 2.54
CA LYS B 63 26.37 -3.04 1.40
C LYS B 63 27.76 -2.70 0.85
N LEU B 64 28.12 -1.43 0.84
CA LEU B 64 29.44 -1.00 0.34
C LEU B 64 30.56 -1.71 1.14
N LYS B 65 30.47 -1.63 2.47
CA LYS B 65 31.44 -2.30 3.36
C LYS B 65 31.42 -3.83 3.19
N GLU B 66 30.23 -4.41 3.08
CA GLU B 66 30.10 -5.86 2.91
C GLU B 66 30.76 -6.35 1.62
N LEU B 67 30.44 -5.69 0.51
CA LEU B 67 31.00 -6.08 -0.79
C LEU B 67 32.48 -5.75 -0.89
N ASN B 68 32.89 -4.59 -0.38
CA ASN B 68 34.33 -4.29 -0.31
C ASN B 68 35.11 -5.42 0.35
N GLY B 69 34.54 -6.03 1.38
CA GLY B 69 35.16 -7.14 2.11
C GLY B 69 35.35 -8.40 1.29
N THR B 70 34.65 -8.51 0.16
CA THR B 70 34.79 -9.67 -0.72
C THR B 70 35.83 -9.42 -1.84
N ALA B 71 36.37 -8.20 -1.91
CA ALA B 71 37.33 -7.81 -2.95
C ALA B 71 38.70 -8.42 -2.64
N PRO B 72 39.51 -8.69 -3.68
CA PRO B 72 40.89 -9.07 -3.35
C PRO B 72 41.60 -7.85 -2.73
N GLU B 73 42.66 -8.12 -1.98
CA GLU B 73 43.29 -7.09 -1.15
C GLU B 73 43.81 -5.90 -1.96
N GLU B 74 44.33 -6.16 -3.16
CA GLU B 74 44.81 -5.11 -4.06
C GLU B 74 43.73 -4.09 -4.46
N LYS B 75 42.49 -4.56 -4.62
CA LYS B 75 41.39 -3.70 -5.07
C LYS B 75 40.56 -3.10 -3.92
N LYS B 76 40.65 -3.73 -2.75
CA LYS B 76 39.85 -3.38 -1.57
C LYS B 76 40.07 -1.92 -1.18
N LEU B 77 38.99 -1.19 -0.86
CA LEU B 77 39.12 0.18 -0.34
C LEU B 77 39.57 0.08 1.10
N THR B 78 40.43 0.99 1.53
CA THR B 78 40.93 0.96 2.90
C THR B 78 39.88 1.50 3.85
N GLU B 79 40.15 1.37 5.15
CA GLU B 79 39.31 1.99 6.17
C GLU B 79 39.20 3.51 5.97
N ASP B 80 40.32 4.18 5.67
CA ASP B 80 40.28 5.65 5.45
C ASP B 80 39.46 6.03 4.20
N ASP B 81 39.55 5.21 3.13
CA ASP B 81 38.72 5.40 1.94
C ASP B 81 37.22 5.29 2.31
N LEU B 82 36.86 4.27 3.07
CA LEU B 82 35.46 4.07 3.47
C LEU B 82 34.92 5.22 4.34
N ILE B 83 35.80 5.80 5.18
CA ILE B 83 35.42 6.94 6.02
C ILE B 83 35.12 8.16 5.13
N LEU B 84 35.89 8.33 4.06
CA LEU B 84 35.67 9.47 3.19
C LEU B 84 34.36 9.35 2.43
N LEU B 85 34.02 8.15 1.97
CA LEU B 85 32.70 7.89 1.33
C LEU B 85 31.54 8.14 2.29
N GLU B 86 31.66 7.63 3.53
CA GLU B 86 30.69 7.91 4.58
C GLU B 86 30.49 9.42 4.78
N LYS B 87 31.59 10.16 4.84
CA LYS B 87 31.55 11.62 4.94
C LYS B 87 30.81 12.29 3.77
N ILE B 88 31.06 11.85 2.53
CA ILE B 88 30.28 12.33 1.38
C ILE B 88 28.79 12.15 1.63
N LEU B 89 28.42 10.95 2.06
CA LEU B 89 27.01 10.65 2.33
C LEU B 89 26.43 11.53 3.43
N SER B 90 27.23 11.80 4.45
CA SER B 90 26.83 12.66 5.57
C SER B 90 26.52 14.07 5.07
N LEU B 91 27.40 14.60 4.23
CA LEU B 91 27.27 15.99 3.75
C LEU B 91 25.99 16.08 2.94
N ILE B 92 25.76 15.08 2.10
CA ILE B 92 24.61 15.09 1.19
C ILE B 92 23.33 14.87 1.99
N CYS B 93 23.33 13.81 2.81
CA CYS B 93 22.13 13.46 3.55
C CYS B 93 21.71 14.47 4.64
N ASN B 94 22.66 15.17 5.25
CA ASN B 94 22.36 16.20 6.27
C ASN B 94 22.19 17.61 5.71
N SER B 95 22.35 17.72 4.39
CA SER B 95 22.32 18.99 3.66
C SER B 95 23.31 20.02 4.21
N SER B 96 24.50 19.53 4.53
CA SER B 96 25.52 20.37 5.09
C SER B 96 25.93 21.48 4.10
N SER B 97 26.33 22.63 4.63
CA SER B 97 26.96 23.68 3.81
C SER B 97 28.43 23.43 3.54
N GLU B 98 29.01 22.42 4.20
CA GLU B 98 30.40 22.03 4.00
C GLU B 98 30.43 21.31 2.66
N LYS B 99 31.35 21.70 1.79
CA LYS B 99 31.43 21.12 0.46
C LYS B 99 32.29 19.87 0.48
N PRO B 100 31.98 18.89 -0.39
CA PRO B 100 32.85 17.73 -0.52
C PRO B 100 34.26 18.17 -0.92
N THR B 101 35.29 17.47 -0.43
CA THR B 101 36.66 17.81 -0.81
C THR B 101 37.08 17.10 -2.10
N VAL B 102 38.12 17.66 -2.74
CA VAL B 102 38.83 16.97 -3.81
C VAL B 102 39.20 15.51 -3.41
N GLN B 103 39.71 15.34 -2.19
CA GLN B 103 40.13 14.04 -1.69
C GLN B 103 38.97 13.03 -1.64
N GLN B 104 37.81 13.49 -1.18
CA GLN B 104 36.58 12.67 -1.17
C GLN B 104 36.12 12.29 -2.58
N LEU B 105 36.17 13.24 -3.51
CA LEU B 105 35.70 12.98 -4.86
C LEU B 105 36.67 12.07 -5.63
N GLN B 106 37.94 12.15 -5.30
CA GLN B 106 38.90 11.22 -5.83
C GLN B 106 38.62 9.81 -5.38
N ILE B 107 38.31 9.65 -4.09
CA ILE B 107 37.93 8.33 -3.57
C ILE B 107 36.62 7.82 -4.21
N LEU B 108 35.65 8.71 -4.37
CA LEU B 108 34.40 8.33 -5.09
C LEU B 108 34.72 7.81 -6.51
N TRP B 109 35.61 8.48 -7.24
CA TRP B 109 36.04 8.02 -8.56
C TRP B 109 36.67 6.62 -8.46
N LYS B 110 37.61 6.46 -7.54
CA LYS B 110 38.26 5.16 -7.37
C LYS B 110 37.21 4.09 -7.09
N ALA B 111 36.29 4.40 -6.17
CA ALA B 111 35.23 3.46 -5.78
C ALA B 111 34.38 2.99 -6.94
N ILE B 112 34.04 3.89 -7.87
CA ILE B 112 33.17 3.49 -8.99
C ILE B 112 33.94 2.78 -10.10
N ASN B 113 35.26 2.70 -9.93
CA ASN B 113 36.11 1.98 -10.87
C ASN B 113 36.50 0.57 -10.37
N CYS B 114 35.85 0.13 -9.30
N CYS B 114 35.84 0.11 -9.30
CA CYS B 114 36.16 -1.17 -8.69
CA CYS B 114 36.16 -1.19 -8.72
C CYS B 114 35.54 -2.29 -9.55
C CYS B 114 35.64 -2.31 -9.64
N PRO B 115 35.86 -3.58 -9.27
CA PRO B 115 35.34 -4.68 -10.10
C PRO B 115 33.81 -4.60 -10.26
N GLU B 116 33.31 -4.95 -11.44
CA GLU B 116 31.88 -4.76 -11.76
C GLU B 116 30.93 -5.46 -10.81
N ASP B 117 31.33 -6.63 -10.30
CA ASP B 117 30.46 -7.37 -9.36
C ASP B 117 30.12 -6.62 -8.08
N ILE B 118 30.97 -5.68 -7.67
CA ILE B 118 30.81 -5.04 -6.37
C ILE B 118 30.70 -3.51 -6.41
N VAL B 119 30.52 -2.96 -7.60
CA VAL B 119 30.54 -1.50 -7.73
C VAL B 119 29.23 -0.83 -7.34
N PHE B 120 28.12 -1.58 -7.33
CA PHE B 120 26.81 -0.90 -7.28
C PHE B 120 26.55 0.05 -6.08
N PRO B 121 27.00 -0.30 -4.83
CA PRO B 121 26.83 0.70 -3.75
C PRO B 121 27.56 2.02 -4.00
N ALA B 122 28.79 1.97 -4.51
CA ALA B 122 29.50 3.20 -4.82
C ALA B 122 28.77 3.97 -5.93
N LEU B 123 28.21 3.26 -6.91
CA LEU B 123 27.35 3.91 -7.92
C LEU B 123 26.13 4.59 -7.29
N ASP B 124 25.53 3.94 -6.29
CA ASP B 124 24.44 4.58 -5.53
C ASP B 124 24.88 5.84 -4.79
N ILE B 125 26.07 5.81 -4.17
CA ILE B 125 26.60 7.07 -3.58
C ILE B 125 26.72 8.17 -4.66
N LEU B 126 27.19 7.79 -5.82
CA LEU B 126 27.34 8.73 -6.93
C LEU B 126 25.98 9.27 -7.39
N ARG B 127 25.02 8.36 -7.54
CA ARG B 127 23.66 8.69 -7.98
C ARG B 127 23.11 9.79 -7.05
N LEU B 128 23.28 9.57 -5.74
CA LEU B 128 22.82 10.53 -4.72
C LEU B 128 23.62 11.85 -4.76
N SER B 129 24.94 11.74 -4.93
CA SER B 129 25.89 12.87 -4.79
C SER B 129 25.93 13.78 -6.01
N ILE B 130 25.63 13.22 -7.18
CA ILE B 130 25.82 13.95 -8.45
C ILE B 130 24.91 15.15 -8.60
N LYS B 131 23.84 15.23 -7.80
CA LYS B 131 22.96 16.42 -7.82
C LYS B 131 23.59 17.64 -7.14
N HIS B 132 24.56 17.40 -6.25
CA HIS B 132 25.21 18.47 -5.49
C HIS B 132 26.12 19.27 -6.45
N PRO B 133 26.00 20.59 -6.47
CA PRO B 133 26.81 21.42 -7.39
C PRO B 133 28.31 21.11 -7.39
N SER B 134 28.91 20.84 -6.24
CA SER B 134 30.37 20.59 -6.19
C SER B 134 30.69 19.32 -6.93
N VAL B 135 29.85 18.30 -6.74
CA VAL B 135 30.06 16.99 -7.34
C VAL B 135 29.74 17.00 -8.85
N ASN B 136 28.62 17.63 -9.21
CA ASN B 136 28.22 17.79 -10.58
C ASN B 136 29.33 18.47 -11.39
N GLU B 137 29.84 19.58 -10.86
CA GLU B 137 30.89 20.33 -11.55
C GLU B 137 32.21 19.55 -11.64
N ASN B 138 32.61 18.87 -10.60
N ASN B 138 32.60 18.89 -10.56
CA ASN B 138 33.89 18.17 -10.67
CA ASN B 138 33.80 18.02 -10.53
C ASN B 138 33.87 16.85 -11.48
C ASN B 138 33.80 16.98 -11.63
N PHE B 139 32.70 16.24 -11.68
CA PHE B 139 32.59 15.07 -12.60
C PHE B 139 32.17 15.41 -14.02
N CYS B 140 31.39 16.48 -14.20
CA CYS B 140 30.75 16.73 -15.52
C CYS B 140 31.25 17.94 -16.31
N ASN B 141 32.21 18.69 -15.75
CA ASN B 141 32.73 19.86 -16.42
C ASN B 141 33.32 19.54 -17.80
N GLU B 142 33.44 20.57 -18.65
CA GLU B 142 33.80 20.39 -20.05
C GLU B 142 35.04 19.54 -20.27
N LYS B 143 36.08 19.77 -19.47
CA LYS B 143 37.38 19.22 -19.79
C LYS B 143 37.49 17.74 -19.44
N GLU B 144 36.83 17.34 -18.36
CA GLU B 144 36.97 16.04 -17.76
C GLU B 144 35.69 15.19 -17.82
N GLY B 145 34.57 15.80 -18.19
CA GLY B 145 33.29 15.08 -18.21
C GLY B 145 33.30 13.89 -19.14
N ALA B 146 34.01 13.98 -20.27
CA ALA B 146 34.01 12.83 -21.20
C ALA B 146 34.56 11.56 -20.53
N GLN B 147 35.52 11.70 -19.63
CA GLN B 147 36.05 10.55 -18.88
C GLN B 147 34.97 9.90 -18.00
N PHE B 148 34.18 10.74 -17.36
CA PHE B 148 33.09 10.30 -16.49
C PHE B 148 31.99 9.57 -17.26
N SER B 149 31.46 10.20 -18.31
CA SER B 149 30.38 9.60 -19.05
C SER B 149 30.79 8.32 -19.78
N SER B 150 32.00 8.29 -20.32
N SER B 150 31.99 8.28 -20.34
CA SER B 150 32.47 7.09 -21.03
CA SER B 150 32.43 7.05 -21.04
C SER B 150 32.58 5.89 -20.08
C SER B 150 32.50 5.89 -20.07
N HIS B 151 32.96 6.17 -18.84
CA HIS B 151 33.10 5.14 -17.85
C HIS B 151 31.70 4.59 -17.55
N LEU B 152 30.75 5.48 -17.25
CA LEU B 152 29.41 5.03 -16.93
C LEU B 152 28.72 4.33 -18.11
N ILE B 153 28.98 4.81 -19.32
CA ILE B 153 28.43 4.17 -20.51
C ILE B 153 28.96 2.73 -20.70
N ASN B 154 30.20 2.51 -20.25
CA ASN B 154 30.76 1.15 -20.25
C ASN B 154 29.97 0.19 -19.36
N LEU B 155 29.37 0.74 -18.33
CA LEU B 155 28.53 -0.02 -17.41
C LEU B 155 27.08 -0.26 -17.93
N LEU B 156 26.76 0.27 -19.12
CA LEU B 156 25.41 0.16 -19.69
C LEU B 156 25.36 -0.91 -20.74
N ASN B 157 26.46 -1.63 -20.89
CA ASN B 157 26.52 -2.75 -21.78
C ASN B 157 25.40 -3.73 -21.40
N PRO B 158 24.63 -4.22 -22.40
CA PRO B 158 23.51 -5.14 -22.20
C PRO B 158 23.86 -6.40 -21.38
N LYS B 159 25.11 -6.86 -21.43
N LYS B 159 25.12 -6.83 -21.55
CA LYS B 159 25.47 -8.05 -20.63
CA LYS B 159 25.74 -7.89 -20.77
C LYS B 159 25.89 -7.72 -19.19
C LYS B 159 26.49 -7.26 -19.60
N GLY B 160 25.77 -6.45 -18.83
CA GLY B 160 26.25 -5.95 -17.53
C GLY B 160 25.35 -6.47 -16.42
N LYS B 161 25.72 -6.13 -15.20
CA LYS B 161 24.95 -6.49 -14.02
C LYS B 161 23.79 -5.50 -14.01
N PRO B 162 22.54 -5.99 -13.88
CA PRO B 162 21.38 -5.08 -13.92
C PRO B 162 21.44 -3.96 -12.88
N ALA B 163 21.98 -4.23 -11.70
CA ALA B 163 22.14 -3.19 -10.68
C ALA B 163 23.01 -2.04 -11.18
N ASN B 164 24.08 -2.38 -11.88
CA ASN B 164 25.01 -1.37 -12.45
C ASN B 164 24.35 -0.57 -13.55
N GLN B 165 23.64 -1.26 -14.45
CA GLN B 165 22.89 -0.59 -15.51
C GLN B 165 21.88 0.39 -14.93
N LEU B 166 21.09 -0.09 -13.95
CA LEU B 166 20.06 0.73 -13.30
C LEU B 166 20.68 1.95 -12.64
N LEU B 167 21.73 1.76 -11.82
CA LEU B 167 22.31 2.92 -11.13
C LEU B 167 23.04 3.91 -12.03
N ALA B 168 23.65 3.41 -13.11
CA ALA B 168 24.29 4.30 -14.05
C ALA B 168 23.23 5.14 -14.74
N LEU B 169 22.09 4.53 -15.10
CA LEU B 169 20.99 5.28 -15.70
C LEU B 169 20.45 6.34 -14.73
N ARG B 170 20.20 5.97 -13.49
CA ARG B 170 19.71 6.92 -12.48
C ARG B 170 20.68 8.05 -12.24
N THR B 171 21.98 7.73 -12.22
CA THR B 171 23.02 8.78 -12.12
C THR B 171 22.97 9.77 -13.28
N PHE B 172 22.90 9.25 -14.51
CA PHE B 172 22.71 10.14 -15.67
C PHE B 172 21.44 11.00 -15.55
N CYS B 173 20.33 10.40 -15.12
CA CYS B 173 19.11 11.21 -14.86
C CYS B 173 19.43 12.34 -13.91
N ASN B 174 20.08 12.02 -12.80
CA ASN B 174 20.37 13.04 -11.78
C ASN B 174 21.34 14.13 -12.19
N CYS B 175 22.23 13.86 -13.14
N CYS B 175 22.22 13.80 -13.15
CA CYS B 175 23.23 14.86 -13.44
CA CYS B 175 23.23 14.71 -13.70
C CYS B 175 22.66 16.04 -14.26
C CYS B 175 22.63 16.01 -14.21
N PHE B 176 21.45 15.89 -14.81
CA PHE B 176 20.76 17.00 -15.47
C PHE B 176 20.37 18.16 -14.56
N VAL B 177 20.43 17.95 -13.25
CA VAL B 177 20.09 19.05 -12.32
C VAL B 177 21.10 20.18 -12.35
N GLY B 178 22.36 19.86 -12.70
CA GLY B 178 23.41 20.87 -12.80
C GLY B 178 23.67 21.35 -14.22
N GLN B 179 24.15 22.60 -14.35
CA GLN B 179 24.50 23.13 -15.67
C GLN B 179 25.57 22.29 -16.39
N ALA B 180 26.55 21.80 -15.63
CA ALA B 180 27.61 21.01 -16.22
C ALA B 180 27.09 19.67 -16.69
N GLY B 181 26.30 19.02 -15.84
CA GLY B 181 25.65 17.75 -16.19
C GLY B 181 24.80 17.91 -17.42
N GLN B 182 24.02 18.97 -17.49
CA GLN B 182 23.17 19.22 -18.64
C GLN B 182 23.99 19.34 -19.94
N LYS B 183 25.06 20.15 -19.90
CA LYS B 183 25.97 20.33 -21.06
C LYS B 183 26.56 18.98 -21.50
N LEU B 184 27.05 18.22 -20.53
CA LEU B 184 27.64 16.92 -20.83
C LEU B 184 26.64 15.94 -21.45
N SER B 187 26.23 16.97 -25.09
CA SER B 187 27.36 16.72 -25.99
C SER B 187 27.62 15.21 -26.19
N GLN B 188 27.23 14.41 -25.20
CA GLN B 188 27.38 12.95 -25.24
C GLN B 188 26.11 12.19 -25.68
N ARG B 189 25.13 12.90 -26.21
CA ARG B 189 23.82 12.29 -26.39
C ARG B 189 23.75 11.14 -27.39
N GLU B 190 24.57 11.18 -28.45
CA GLU B 190 24.56 10.10 -29.43
C GLU B 190 24.89 8.78 -28.74
N SER B 191 25.98 8.78 -27.98
CA SER B 191 26.44 7.59 -27.25
C SER B 191 25.44 7.11 -26.20
N LEU B 192 24.92 8.05 -25.41
N LEU B 192 24.93 8.08 -25.42
CA LEU B 192 24.03 7.69 -24.33
CA LEU B 192 24.03 7.81 -24.32
C LEU B 192 22.68 7.19 -24.83
C LEU B 192 22.67 7.27 -24.78
N SER B 194 22.11 5.83 -27.74
CA SER B 194 22.34 4.54 -28.38
C SER B 194 22.30 3.42 -27.33
N HIS B 195 22.99 3.65 -26.23
CA HIS B 195 23.07 2.67 -25.14
C HIS B 195 21.77 2.50 -24.40
N ALA B 196 21.03 3.60 -24.25
CA ALA B 196 19.70 3.53 -23.63
C ALA B 196 18.77 2.64 -24.42
N ILE B 197 18.69 2.92 -25.71
CA ILE B 197 17.86 2.14 -26.62
C ILE B 197 18.11 0.64 -26.50
N GLU B 198 19.36 0.24 -26.33
CA GLU B 198 19.69 -1.18 -26.31
C GLU B 198 19.20 -1.88 -25.02
N LEU B 199 18.85 -1.08 -24.01
CA LEU B 199 18.32 -1.62 -22.75
C LEU B 199 16.81 -1.66 -22.67
N LYS B 200 16.13 -1.27 -23.75
CA LYS B 200 14.68 -1.35 -23.83
C LYS B 200 14.15 -2.80 -23.78
N SER B 201 15.03 -3.78 -23.98
CA SER B 201 14.66 -5.20 -24.04
C SER B 201 14.20 -5.77 -22.71
N GLY B 202 13.72 -7.01 -22.71
CA GLY B 202 13.33 -7.65 -21.46
C GLY B 202 12.23 -6.94 -20.70
N SER B 203 12.21 -7.11 -19.38
CA SER B 203 11.11 -6.64 -18.56
C SER B 203 11.51 -6.09 -17.17
N ASN B 204 12.75 -5.63 -17.03
CA ASN B 204 13.16 -5.00 -15.78
C ASN B 204 12.47 -3.62 -15.65
N LYS B 205 11.45 -3.53 -14.79
CA LYS B 205 10.65 -2.33 -14.70
C LYS B 205 11.49 -1.15 -14.21
N ASN B 206 12.40 -1.39 -13.28
CA ASN B 206 13.20 -0.28 -12.77
C ASN B 206 14.15 0.32 -13.80
N ILE B 207 14.75 -0.53 -14.63
CA ILE B 207 15.61 -0.05 -15.69
C ILE B 207 14.76 0.74 -16.72
N HIS B 208 13.60 0.19 -17.05
CA HIS B 208 12.70 0.85 -17.99
C HIS B 208 12.22 2.22 -17.49
N ILE B 209 11.94 2.31 -16.20
CA ILE B 209 11.55 3.60 -15.62
C ILE B 209 12.69 4.60 -15.73
N ALA B 210 13.91 4.13 -15.49
CA ALA B 210 15.07 4.99 -15.58
C ALA B 210 15.32 5.39 -17.03
N LEU B 211 15.13 4.47 -17.97
CA LEU B 211 15.20 4.85 -19.37
C LEU B 211 14.19 5.93 -19.75
N ALA B 212 12.97 5.77 -19.29
CA ALA B 212 11.88 6.69 -19.60
C ALA B 212 12.20 8.06 -18.96
N THR B 213 12.80 8.06 -17.77
CA THR B 213 13.18 9.28 -17.09
C THR B 213 14.36 9.99 -17.81
N LEU B 214 15.31 9.21 -18.30
CA LEU B 214 16.41 9.76 -19.11
C LEU B 214 15.82 10.44 -20.36
N ALA B 215 14.89 9.79 -21.05
CA ALA B 215 14.21 10.45 -22.19
C ALA B 215 13.53 11.78 -21.78
N LEU B 216 12.87 11.75 -20.62
CA LEU B 216 12.11 12.90 -20.11
C LEU B 216 13.09 14.06 -19.81
N ASN B 217 14.22 13.75 -19.18
CA ASN B 217 15.19 14.79 -18.85
C ASN B 217 15.82 15.40 -20.13
N TYR B 218 16.02 14.57 -21.16
CA TYR B 218 16.45 15.11 -22.46
C TYR B 218 15.38 16.05 -23.03
N SER B 219 14.11 15.65 -22.93
CA SER B 219 12.96 16.45 -23.44
C SER B 219 12.92 17.82 -22.74
N VAL B 220 13.16 17.81 -21.44
CA VAL B 220 13.24 19.06 -20.69
C VAL B 220 14.28 20.02 -21.33
N CYS B 221 15.46 19.48 -21.66
CA CYS B 221 16.52 20.31 -22.27
C CYS B 221 16.12 20.88 -23.63
N PHE B 222 15.61 20.02 -24.50
CA PHE B 222 15.18 20.50 -25.81
C PHE B 222 14.01 21.49 -25.71
N HIS B 223 13.11 21.27 -24.75
CA HIS B 223 11.97 22.18 -24.54
C HIS B 223 12.46 23.59 -24.22
N LYS B 224 13.50 23.65 -23.39
CA LYS B 224 14.11 24.87 -22.87
C LYS B 224 14.73 25.75 -23.94
N ASP B 225 15.06 25.17 -25.09
CA ASP B 225 15.90 25.85 -26.09
C ASP B 225 15.53 25.62 -27.56
N HIS B 226 16.36 26.12 -28.48
CA HIS B 226 16.33 25.79 -29.91
C HIS B 226 17.51 26.48 -30.62
N GLY B 230 17.46 17.79 -33.66
CA GLY B 230 17.59 17.66 -32.21
C GLY B 230 16.37 17.04 -31.58
N LYS B 231 15.23 17.74 -31.68
CA LYS B 231 13.95 17.21 -31.23
C LYS B 231 13.57 15.93 -31.98
N ALA B 232 13.97 15.84 -33.26
CA ALA B 232 13.69 14.63 -34.03
C ALA B 232 14.40 13.41 -33.45
N GLN B 233 15.65 13.61 -33.00
CA GLN B 233 16.37 12.51 -32.36
C GLN B 233 15.70 12.11 -31.04
N CYS B 234 15.29 13.12 -30.29
CA CYS B 234 14.67 12.87 -29.01
C CYS B 234 13.32 12.18 -29.20
N LEU B 235 12.58 12.59 -30.23
CA LEU B 235 11.35 11.89 -30.59
C LEU B 235 11.58 10.40 -30.96
N SER B 236 12.61 10.07 -31.73
CA SER B 236 12.82 8.65 -32.04
C SER B 236 13.15 7.84 -30.81
N LEU B 237 13.91 8.45 -29.89
CA LEU B 237 14.22 7.83 -28.60
C LEU B 237 12.94 7.50 -27.80
N ILE B 238 12.06 8.47 -27.67
CA ILE B 238 10.85 8.32 -26.89
C ILE B 238 9.99 7.24 -27.52
N SER B 239 9.82 7.32 -28.84
CA SER B 239 8.94 6.40 -29.56
C SER B 239 9.45 4.96 -29.53
N THR B 240 10.75 4.80 -29.69
CA THR B 240 11.36 3.46 -29.75
C THR B 240 11.18 2.74 -28.41
N ILE B 241 11.37 3.46 -27.31
CA ILE B 241 11.24 2.86 -25.98
C ILE B 241 9.77 2.59 -25.66
N LEU B 242 8.93 3.58 -25.95
CA LEU B 242 7.50 3.51 -25.67
C LEU B 242 6.84 2.33 -26.34
N GLU B 243 7.27 2.02 -27.57
CA GLU B 243 6.80 0.86 -28.33
C GLU B 243 6.91 -0.49 -27.61
N VAL B 244 7.90 -0.61 -26.72
N VAL B 244 7.92 -0.66 -26.75
CA VAL B 244 8.29 -1.91 -26.19
CA VAL B 244 8.21 -1.97 -26.17
C VAL B 244 8.04 -2.07 -24.69
C VAL B 244 7.94 -2.06 -24.67
N VAL B 245 8.13 -0.96 -23.96
CA VAL B 245 8.05 -0.96 -22.51
C VAL B 245 6.64 -1.37 -22.00
N GLN B 246 6.57 -2.10 -20.91
N GLN B 246 6.60 -2.13 -20.92
CA GLN B 246 5.26 -2.47 -20.40
CA GLN B 246 5.32 -2.62 -20.37
C GLN B 246 4.90 -1.77 -19.11
C GLN B 246 4.92 -2.03 -19.01
N ASP B 247 5.90 -1.47 -18.30
CA ASP B 247 5.61 -0.78 -17.03
C ASP B 247 4.85 0.54 -17.28
N LEU B 248 3.75 0.74 -16.53
CA LEU B 248 2.91 1.93 -16.72
C LEU B 248 3.55 3.22 -16.22
N GLU B 249 4.40 3.12 -15.19
CA GLU B 249 5.19 4.31 -14.79
C GLU B 249 6.13 4.75 -15.89
N ALA B 250 6.85 3.82 -16.51
CA ALA B 250 7.72 4.10 -17.65
C ALA B 250 6.92 4.67 -18.80
N THR B 251 5.79 4.05 -19.11
CA THR B 251 4.87 4.54 -20.13
C THR B 251 4.50 6.01 -19.84
N PHE B 252 4.03 6.26 -18.63
CA PHE B 252 3.68 7.63 -18.19
C PHE B 252 4.82 8.63 -18.41
N ARG B 253 6.02 8.27 -17.99
CA ARG B 253 7.14 9.20 -18.09
C ARG B 253 7.50 9.43 -19.54
N LEU B 254 7.29 8.42 -20.40
CA LEU B 254 7.55 8.62 -21.84
C LEU B 254 6.54 9.58 -22.46
N LEU B 255 5.29 9.49 -22.02
CA LEU B 255 4.24 10.40 -22.48
C LEU B 255 4.51 11.82 -21.98
N VAL B 256 5.01 11.94 -20.76
CA VAL B 256 5.36 13.26 -20.22
C VAL B 256 6.52 13.84 -21.07
N ALA B 257 7.43 12.95 -21.46
CA ALA B 257 8.61 13.36 -22.24
C ALA B 257 8.14 13.88 -23.59
N LEU B 258 7.20 13.16 -24.22
CA LEU B 258 6.63 13.56 -25.51
C LEU B 258 5.85 14.87 -25.42
N GLY B 259 5.02 15.03 -24.40
CA GLY B 259 4.27 16.29 -24.23
C GLY B 259 5.22 17.47 -24.03
N THR B 260 6.26 17.25 -23.21
CA THR B 260 7.31 18.25 -22.95
C THR B 260 8.08 18.60 -24.22
N LEU B 261 8.42 17.59 -25.02
CA LEU B 261 9.24 17.82 -26.22
C LEU B 261 8.59 18.78 -27.22
N ILE B 262 7.26 18.67 -27.41
CA ILE B 262 6.54 19.44 -28.42
C ILE B 262 5.88 20.72 -27.91
N SER B 263 5.78 20.85 -26.58
CA SER B 263 5.14 22.00 -25.97
C SER B 263 5.80 23.30 -26.37
N ASP B 264 4.96 24.27 -26.69
CA ASP B 264 5.40 25.65 -26.90
C ASP B 264 6.43 25.76 -28.03
N ASP B 265 6.35 24.83 -28.96
CA ASP B 265 7.13 24.93 -30.19
C ASP B 265 6.24 24.53 -31.35
N SER B 266 5.75 25.52 -32.10
CA SER B 266 4.83 25.29 -33.22
C SER B 266 5.42 24.36 -34.28
N ASN B 267 6.73 24.45 -34.48
CA ASN B 267 7.41 23.59 -35.46
C ASN B 267 7.46 22.13 -35.00
N ALA B 268 7.67 21.93 -33.70
CA ALA B 268 7.70 20.59 -33.10
C ALA B 268 6.33 19.92 -33.10
N VAL B 269 5.27 20.68 -32.79
CA VAL B 269 3.89 20.19 -32.88
C VAL B 269 3.57 19.79 -34.31
N GLN B 270 4.00 20.62 -35.27
CA GLN B 270 3.69 20.32 -36.66
C GLN B 270 4.44 19.06 -37.13
N LEU B 271 5.69 18.92 -36.68
CA LEU B 271 6.45 17.74 -37.01
C LEU B 271 5.72 16.51 -36.49
N ALA B 272 5.29 16.58 -35.24
CA ALA B 272 4.60 15.46 -34.60
C ALA B 272 3.26 15.10 -35.27
N LYS B 273 2.50 16.12 -35.64
CA LYS B 273 1.26 15.96 -36.38
C LYS B 273 1.55 15.34 -37.76
N SER B 274 2.55 15.88 -38.48
CA SER B 274 2.88 15.39 -39.83
C SER B 274 3.29 13.92 -39.82
N LEU B 275 4.02 13.55 -38.79
CA LEU B 275 4.55 12.21 -38.65
C LEU B 275 3.46 11.22 -38.24
N GLY B 276 2.38 11.71 -37.63
CA GLY B 276 1.28 10.85 -37.22
C GLY B 276 1.57 10.22 -35.88
N VAL B 277 2.24 10.97 -35.02
CA VAL B 277 2.48 10.55 -33.65
C VAL B 277 1.17 10.21 -32.93
N ASP B 278 0.09 10.95 -33.23
CA ASP B 278 -1.22 10.72 -32.60
C ASP B 278 -1.69 9.28 -32.75
N SER B 279 -1.39 8.70 -33.90
CA SER B 279 -1.76 7.33 -34.21
C SER B 279 -1.00 6.33 -33.37
N GLN B 280 0.26 6.64 -33.03
CA GLN B 280 1.05 5.70 -32.26
C GLN B 280 0.75 5.72 -30.77
N ILE B 281 0.26 6.84 -30.26
CA ILE B 281 -0.07 6.94 -28.84
C ILE B 281 -1.57 6.86 -28.55
N LYS B 282 -2.40 6.77 -29.58
CA LYS B 282 -3.85 6.75 -29.39
C LYS B 282 -4.25 5.64 -28.41
N LYS B 283 -3.60 4.50 -28.53
CA LYS B 283 -3.89 3.34 -27.67
C LYS B 283 -3.73 3.62 -26.17
N TYR B 284 -2.98 4.66 -25.80
CA TYR B 284 -2.83 4.97 -24.37
C TYR B 284 -4.02 5.76 -23.81
N SER B 285 -4.83 6.29 -24.72
CA SER B 285 -5.96 7.14 -24.38
C SER B 285 -7.07 6.34 -23.72
N SER B 286 -7.03 5.02 -23.93
CA SER B 286 -8.02 4.07 -23.40
C SER B 286 -7.57 3.43 -22.09
N VAL B 287 -6.26 3.47 -21.83
CA VAL B 287 -5.68 2.88 -20.60
C VAL B 287 -6.32 3.51 -19.36
N SER B 288 -6.91 2.66 -18.52
CA SER B 288 -7.71 3.14 -17.40
C SER B 288 -6.96 3.30 -16.07
N GLU B 289 -5.89 2.52 -15.87
CA GLU B 289 -5.10 2.58 -14.64
C GLU B 289 -3.59 2.52 -14.91
N PRO B 290 -2.80 3.43 -14.31
CA PRO B 290 -3.23 4.57 -13.51
C PRO B 290 -3.86 5.62 -14.42
N ALA B 291 -4.71 6.47 -13.85
CA ALA B 291 -5.50 7.41 -14.63
C ALA B 291 -4.60 8.39 -15.35
N LYS B 292 -3.44 8.67 -14.75
CA LYS B 292 -2.51 9.63 -15.27
C LYS B 292 -2.04 9.28 -16.68
N VAL B 293 -1.96 8.00 -17.02
CA VAL B 293 -1.53 7.60 -18.36
C VAL B 293 -2.54 8.09 -19.44
N SER B 294 -3.82 7.78 -19.27
CA SER B 294 -4.79 8.20 -20.27
C SER B 294 -4.92 9.72 -20.31
N GLU B 295 -4.90 10.36 -19.13
CA GLU B 295 -5.06 11.80 -19.05
C GLU B 295 -3.92 12.51 -19.75
N CYS B 296 -2.68 12.10 -19.48
CA CYS B 296 -1.51 12.73 -20.13
C CYS B 296 -1.64 12.53 -21.65
N CYS B 297 -2.06 11.33 -22.05
CA CYS B 297 -2.17 11.02 -23.48
C CYS B 297 -3.21 11.89 -24.15
N ARG B 298 -4.32 12.16 -23.45
CA ARG B 298 -5.38 13.00 -24.02
C ARG B 298 -4.95 14.47 -24.18
N PHE B 299 -4.10 14.97 -23.29
CA PHE B 299 -3.50 16.30 -23.47
C PHE B 299 -2.57 16.43 -24.66
N ILE B 300 -1.84 15.35 -24.97
CA ILE B 300 -0.95 15.35 -26.11
C ILE B 300 -1.80 15.34 -27.38
N LEU B 301 -2.81 14.49 -27.38
CA LEU B 301 -3.74 14.37 -28.51
C LEU B 301 -4.47 15.66 -28.82
N ASN B 302 -4.77 16.43 -27.78
CA ASN B 302 -5.30 17.79 -27.89
C ASN B 302 -4.38 18.78 -28.64
N LEU B 303 -3.07 18.60 -28.54
CA LEU B 303 -2.11 19.47 -29.25
C LEU B 303 -1.93 19.06 -30.71
N LEU B 304 -2.18 17.78 -30.98
CA LEU B 304 -1.93 17.21 -32.29
C LEU B 304 -3.20 17.22 -33.15
N THR C 39 -28.40 -2.57 23.32
CA THR C 39 -27.59 -3.80 23.61
C THR C 39 -27.06 -4.43 22.31
N ASN C 41 -25.63 -5.11 18.79
CA ASN C 41 -24.67 -4.38 17.98
C ASN C 41 -23.96 -5.27 16.95
N ILE C 42 -23.31 -4.61 15.99
N ILE C 42 -23.30 -4.63 15.99
CA ILE C 42 -22.63 -5.23 14.86
CA ILE C 42 -22.67 -5.34 14.87
C ILE C 42 -21.31 -5.94 15.24
C ILE C 42 -21.23 -5.76 15.15
N TYR C 43 -20.77 -5.58 16.40
CA TYR C 43 -19.38 -5.91 16.77
C TYR C 43 -19.20 -7.18 17.60
N PHE C 44 -20.09 -7.39 18.58
CA PHE C 44 -19.92 -8.45 19.55
C PHE C 44 -21.27 -8.81 20.19
N PRO C 45 -21.37 -10.02 20.80
CA PRO C 45 -20.33 -11.05 20.91
C PRO C 45 -20.12 -11.82 19.62
N LYS C 46 -18.85 -12.03 19.26
CA LYS C 46 -18.50 -12.86 18.12
C LYS C 46 -18.76 -14.31 18.50
N LYS C 47 -19.29 -15.09 17.56
N LYS C 47 -19.26 -15.07 17.53
CA LYS C 47 -19.65 -16.47 17.88
CA LYS C 47 -19.78 -16.43 17.74
C LYS C 47 -18.75 -17.50 17.20
C LYS C 47 -19.01 -17.50 16.95
N GLU C 48 -17.99 -17.08 16.19
CA GLU C 48 -17.10 -18.00 15.50
C GLU C 48 -15.72 -17.36 15.32
N ALA C 49 -14.72 -18.20 15.07
CA ALA C 49 -13.33 -17.78 14.92
C ALA C 49 -13.12 -16.78 13.79
N VAL C 50 -12.22 -15.82 14.00
CA VAL C 50 -11.72 -14.94 12.95
C VAL C 50 -10.45 -15.57 12.39
N THR C 51 -10.38 -15.62 11.07
CA THR C 51 -9.32 -16.36 10.39
C THR C 51 -8.56 -15.50 9.39
N PHE C 52 -7.41 -16.02 8.97
CA PHE C 52 -6.57 -15.39 7.96
C PHE C 52 -6.65 -16.23 6.70
N ASP C 53 -7.41 -15.73 5.72
CA ASP C 53 -7.77 -16.53 4.54
C ASP C 53 -7.06 -16.11 3.26
N GLN C 54 -6.47 -14.91 3.22
CA GLN C 54 -5.85 -14.36 1.99
C GLN C 54 -4.60 -15.12 1.56
N ALA C 55 -4.54 -15.48 0.28
CA ALA C 55 -3.54 -16.41 -0.24
C ALA C 55 -2.99 -15.99 -1.59
N ASN C 56 -1.68 -15.80 -1.69
CA ASN C 56 -1.08 -15.77 -3.02
C ASN C 56 -0.16 -16.95 -3.22
N PRO C 57 -0.72 -18.11 -3.64
CA PRO C 57 0.08 -19.34 -3.75
C PRO C 57 1.26 -19.17 -4.70
N THR C 58 1.15 -18.29 -5.69
CA THR C 58 2.28 -18.02 -6.60
C THR C 58 3.51 -17.57 -5.82
N GLN C 59 3.33 -16.57 -4.95
CA GLN C 59 4.45 -16.03 -4.18
C GLN C 59 4.99 -17.05 -3.16
N ILE C 60 4.08 -17.79 -2.53
CA ILE C 60 4.46 -18.78 -1.53
C ILE C 60 5.34 -19.86 -2.15
N LEU C 61 4.87 -20.43 -3.25
CA LEU C 61 5.60 -21.48 -3.97
C LEU C 61 6.93 -20.99 -4.57
N GLY C 62 6.91 -19.76 -5.10
CA GLY C 62 8.10 -19.19 -5.72
C GLY C 62 9.18 -19.00 -4.68
N LYS C 63 8.79 -18.51 -3.51
CA LYS C 63 9.73 -18.30 -2.40
C LYS C 63 10.22 -19.62 -1.79
N LEU C 64 9.31 -20.57 -1.61
CA LEU C 64 9.68 -21.91 -1.14
C LEU C 64 10.78 -22.49 -2.02
N LYS C 65 10.54 -22.51 -3.33
CA LYS C 65 11.48 -23.08 -4.28
C LYS C 65 12.78 -22.26 -4.35
N GLU C 66 12.66 -20.94 -4.30
CA GLU C 66 13.85 -20.07 -4.29
C GLU C 66 14.71 -20.31 -3.06
N LEU C 67 14.10 -20.24 -1.88
CA LEU C 67 14.82 -20.42 -0.62
C LEU C 67 15.37 -21.83 -0.43
N ASN C 68 14.68 -22.82 -1.00
CA ASN C 68 15.18 -24.20 -1.00
C ASN C 68 16.41 -24.45 -1.90
N GLY C 69 16.52 -23.71 -3.01
CA GLY C 69 17.64 -23.89 -3.94
C GLY C 69 18.99 -23.49 -3.36
N THR C 70 18.94 -22.73 -2.27
CA THR C 70 20.12 -22.15 -1.66
C THR C 70 20.40 -22.79 -0.28
N ALA C 71 19.51 -23.67 0.16
CA ALA C 71 19.56 -24.30 1.49
C ALA C 71 20.76 -25.24 1.72
N PRO C 72 21.17 -25.45 2.99
CA PRO C 72 22.17 -26.47 3.32
C PRO C 72 21.76 -27.85 2.81
N GLU C 73 22.72 -28.62 2.31
CA GLU C 73 22.42 -29.95 1.73
C GLU C 73 21.59 -30.85 2.66
N GLU C 74 21.91 -30.82 3.95
CA GLU C 74 21.23 -31.69 4.92
C GLU C 74 19.74 -31.40 5.15
N LYS C 75 19.29 -30.21 4.76
CA LYS C 75 17.90 -29.81 4.95
C LYS C 75 17.14 -29.57 3.65
N LYS C 76 17.87 -29.49 2.53
CA LYS C 76 17.29 -29.19 1.22
C LYS C 76 16.16 -30.18 0.89
N LEU C 77 14.95 -29.68 0.65
CA LEU C 77 13.83 -30.56 0.28
C LEU C 77 14.05 -31.15 -1.12
N THR C 78 13.59 -32.38 -1.34
CA THR C 78 13.84 -33.03 -2.63
C THR C 78 12.88 -32.49 -3.69
N GLU C 79 13.18 -32.81 -4.94
CA GLU C 79 12.32 -32.49 -6.08
C GLU C 79 10.88 -32.95 -5.81
N ASP C 80 10.74 -34.21 -5.37
CA ASP C 80 9.42 -34.80 -5.06
C ASP C 80 8.73 -34.14 -3.87
N ASP C 81 9.51 -33.78 -2.85
CA ASP C 81 9.00 -33.02 -1.70
C ASP C 81 8.26 -31.76 -2.15
N LEU C 82 8.89 -31.00 -3.06
CA LEU C 82 8.35 -29.74 -3.55
C LEU C 82 7.07 -29.93 -4.37
N ILE C 83 7.01 -31.05 -5.12
CA ILE C 83 5.81 -31.42 -5.87
C ILE C 83 4.65 -31.74 -4.91
N LEU C 84 4.94 -32.46 -3.83
CA LEU C 84 3.91 -32.79 -2.84
C LEU C 84 3.36 -31.54 -2.15
N LEU C 85 4.23 -30.58 -1.81
CA LEU C 85 3.76 -29.34 -1.18
C LEU C 85 2.94 -28.48 -2.13
N GLU C 86 3.37 -28.44 -3.39
CA GLU C 86 2.62 -27.76 -4.43
C GLU C 86 1.23 -28.40 -4.57
N LYS C 87 1.15 -29.71 -4.35
CA LYS C 87 -0.13 -30.43 -4.46
C LYS C 87 -1.07 -30.01 -3.34
N ILE C 88 -0.54 -29.85 -2.13
CA ILE C 88 -1.35 -29.39 -1.01
C ILE C 88 -1.94 -28.02 -1.32
N LEU C 89 -1.08 -27.10 -1.75
CA LEU C 89 -1.46 -25.76 -2.14
C LEU C 89 -2.53 -25.79 -3.22
N SER C 90 -2.36 -26.65 -4.23
CA SER C 90 -3.37 -26.81 -5.28
C SER C 90 -4.74 -27.21 -4.72
N LEU C 91 -4.77 -28.26 -3.89
CA LEU C 91 -6.01 -28.74 -3.27
C LEU C 91 -6.72 -27.67 -2.46
N ILE C 92 -5.96 -26.94 -1.63
CA ILE C 92 -6.57 -25.91 -0.77
C ILE C 92 -7.03 -24.74 -1.59
N CYS C 93 -6.15 -24.21 -2.43
CA CYS C 93 -6.43 -23.01 -3.20
C CYS C 93 -7.60 -23.20 -4.16
N ASN C 94 -7.78 -24.42 -4.65
CA ASN C 94 -8.88 -24.76 -5.57
C ASN C 94 -10.16 -25.22 -4.87
N SER C 95 -10.13 -25.22 -3.54
CA SER C 95 -11.25 -25.67 -2.71
C SER C 95 -11.74 -27.07 -3.08
N SER C 96 -10.80 -27.99 -3.26
CA SER C 96 -11.10 -29.39 -3.63
C SER C 96 -11.79 -30.16 -2.50
N SER C 97 -12.65 -31.11 -2.87
CA SER C 97 -13.25 -32.03 -1.90
C SER C 97 -12.32 -33.18 -1.55
N GLU C 98 -11.18 -33.26 -2.24
CA GLU C 98 -10.18 -34.28 -2.02
C GLU C 98 -9.33 -33.92 -0.81
N LYS C 99 -9.09 -34.88 0.07
CA LYS C 99 -8.25 -34.69 1.26
C LYS C 99 -6.76 -34.69 0.88
N PRO C 100 -5.95 -33.85 1.52
CA PRO C 100 -4.51 -34.04 1.39
C PRO C 100 -4.06 -35.40 1.94
N THR C 101 -3.11 -36.05 1.29
CA THR C 101 -2.69 -37.40 1.68
C THR C 101 -1.85 -37.36 2.96
N VAL C 102 -1.77 -38.48 3.67
CA VAL C 102 -0.86 -38.54 4.84
C VAL C 102 0.60 -38.19 4.41
N GLN C 103 1.04 -38.73 3.28
CA GLN C 103 2.39 -38.43 2.76
C GLN C 103 2.65 -36.93 2.57
N GLN C 104 1.66 -36.23 2.00
CA GLN C 104 1.76 -34.78 1.82
C GLN C 104 1.90 -34.02 3.15
N LEU C 105 1.08 -34.39 4.13
CA LEU C 105 1.13 -33.76 5.45
C LEU C 105 2.45 -34.08 6.17
N GLN C 106 2.97 -35.28 5.93
CA GLN C 106 4.29 -35.65 6.43
C GLN C 106 5.38 -34.75 5.85
N ILE C 107 5.32 -34.48 4.55
CA ILE C 107 6.29 -33.56 3.93
C ILE C 107 6.07 -32.12 4.44
N LEU C 108 4.83 -31.76 4.72
CA LEU C 108 4.55 -30.44 5.29
C LEU C 108 5.19 -30.29 6.68
N TRP C 109 5.13 -31.35 7.48
CA TRP C 109 5.80 -31.35 8.77
C TRP C 109 7.31 -31.19 8.60
N LYS C 110 7.89 -31.95 7.66
CA LYS C 110 9.31 -31.85 7.32
C LYS C 110 9.67 -30.42 6.88
N ALA C 111 8.82 -29.84 6.05
CA ALA C 111 8.99 -28.49 5.49
C ALA C 111 9.07 -27.39 6.53
N ILE C 112 8.24 -27.48 7.57
CA ILE C 112 8.18 -26.45 8.62
C ILE C 112 9.23 -26.72 9.69
N ASN C 113 9.96 -27.82 9.53
CA ASN C 113 11.13 -28.07 10.37
C ASN C 113 12.46 -27.75 9.67
N CYS C 114 12.40 -27.05 8.54
CA CYS C 114 13.60 -26.59 7.84
C CYS C 114 14.26 -25.42 8.61
N PRO C 115 15.49 -24.99 8.20
CA PRO C 115 16.13 -23.87 8.93
C PRO C 115 15.24 -22.63 9.10
N GLU C 116 15.25 -22.04 10.29
CA GLU C 116 14.32 -20.96 10.64
C GLU C 116 14.39 -19.74 9.70
N ASP C 117 15.56 -19.44 9.15
CA ASP C 117 15.68 -18.30 8.24
C ASP C 117 15.02 -18.52 6.87
N ILE C 118 14.55 -19.75 6.60
CA ILE C 118 13.92 -20.06 5.30
C ILE C 118 12.58 -20.83 5.42
N VAL C 119 12.04 -20.93 6.62
CA VAL C 119 10.83 -21.75 6.82
C VAL C 119 9.49 -21.04 6.49
N PHE C 120 9.49 -19.72 6.38
CA PHE C 120 8.23 -18.99 6.33
C PHE C 120 7.27 -19.39 5.19
N PRO C 121 7.78 -19.61 3.95
CA PRO C 121 6.82 -20.03 2.92
C PRO C 121 6.14 -21.33 3.29
N ALA C 122 6.86 -22.27 3.91
CA ALA C 122 6.23 -23.53 4.33
C ALA C 122 5.22 -23.28 5.45
N LEU C 123 5.53 -22.34 6.34
CA LEU C 123 4.60 -21.98 7.42
C LEU C 123 3.34 -21.37 6.83
N ASP C 124 3.47 -20.62 5.73
CA ASP C 124 2.31 -20.03 5.06
C ASP C 124 1.38 -21.11 4.48
N ILE C 125 1.97 -22.19 3.96
CA ILE C 125 1.18 -23.33 3.47
C ILE C 125 0.41 -23.95 4.63
N LEU C 126 1.08 -24.13 5.76
CA LEU C 126 0.45 -24.61 6.99
C LEU C 126 -0.69 -23.69 7.43
N ARG C 127 -0.39 -22.38 7.48
CA ARG C 127 -1.36 -21.36 7.82
C ARG C 127 -2.66 -21.56 7.01
N LEU C 128 -2.52 -21.67 5.70
CA LEU C 128 -3.70 -21.87 4.83
C LEU C 128 -4.40 -23.24 5.00
N SER C 129 -3.60 -24.27 5.21
CA SER C 129 -4.06 -25.67 5.18
C SER C 129 -4.77 -26.09 6.46
N ILE C 130 -4.32 -25.54 7.58
CA ILE C 130 -4.78 -25.96 8.91
C ILE C 130 -6.31 -25.82 9.11
N LYS C 131 -6.96 -25.00 8.29
CA LYS C 131 -8.42 -24.84 8.33
C LYS C 131 -9.16 -26.01 7.70
N HIS C 132 -8.49 -26.76 6.82
CA HIS C 132 -9.08 -27.93 6.22
C HIS C 132 -9.32 -28.95 7.32
N PRO C 133 -10.57 -29.47 7.43
CA PRO C 133 -10.94 -30.38 8.52
C PRO C 133 -9.95 -31.55 8.71
N SER C 134 -9.48 -32.10 7.59
CA SER C 134 -8.61 -33.29 7.61
C SER C 134 -7.21 -32.93 8.12
N VAL C 135 -6.75 -31.75 7.70
CA VAL C 135 -5.45 -31.25 8.10
C VAL C 135 -5.48 -30.83 9.58
N ASN C 136 -6.50 -30.03 9.94
CA ASN C 136 -6.78 -29.71 11.34
C ASN C 136 -6.76 -30.96 12.25
N GLU C 137 -7.48 -32.00 11.83
CA GLU C 137 -7.60 -33.24 12.60
C GLU C 137 -6.27 -33.98 12.68
N ASN C 138 -5.49 -33.94 11.60
CA ASN C 138 -4.18 -34.58 11.57
C ASN C 138 -3.16 -33.98 12.54
N PHE C 139 -3.06 -32.65 12.56
CA PHE C 139 -2.06 -31.96 13.35
C PHE C 139 -2.48 -31.63 14.80
N CYS C 140 -3.78 -31.45 15.03
CA CYS C 140 -4.24 -30.95 16.33
C CYS C 140 -4.95 -32.00 17.19
N ASN C 141 -4.88 -33.27 16.78
CA ASN C 141 -5.59 -34.34 17.48
C ASN C 141 -4.96 -34.69 18.82
N LYS C 143 -3.11 -36.23 20.92
CA LYS C 143 -1.98 -37.15 20.91
C LYS C 143 -0.77 -36.57 20.18
N GLU C 144 -0.99 -36.11 18.95
CA GLU C 144 0.05 -35.47 18.14
C GLU C 144 0.03 -33.95 18.32
N GLY C 145 -0.99 -33.45 19.02
CA GLY C 145 -1.23 -32.02 19.12
C GLY C 145 -0.16 -31.25 19.89
N ALA C 146 0.41 -31.89 20.91
CA ALA C 146 1.41 -31.25 21.78
C ALA C 146 2.71 -30.91 21.04
N GLN C 147 3.21 -31.87 20.25
CA GLN C 147 4.41 -31.69 19.44
C GLN C 147 4.20 -30.57 18.41
N PHE C 148 2.98 -30.51 17.85
CA PHE C 148 2.65 -29.54 16.81
C PHE C 148 2.66 -28.10 17.35
N SER C 149 1.91 -27.88 18.42
CA SER C 149 1.83 -26.58 19.05
C SER C 149 3.15 -26.19 19.72
N SER C 150 3.86 -27.18 20.29
CA SER C 150 5.18 -26.93 20.86
C SER C 150 6.13 -26.36 19.81
N HIS C 151 6.09 -26.94 18.60
CA HIS C 151 6.94 -26.46 17.52
C HIS C 151 6.55 -25.04 17.12
N LEU C 152 5.26 -24.80 16.93
CA LEU C 152 4.80 -23.46 16.57
C LEU C 152 5.14 -22.44 17.66
N ILE C 153 4.99 -22.83 18.92
CA ILE C 153 5.30 -21.96 20.04
C ILE C 153 6.78 -21.55 20.04
N ASN C 154 7.68 -22.53 19.81
CA ASN C 154 9.09 -22.26 19.58
C ASN C 154 9.33 -21.22 18.48
N LEU C 155 8.48 -21.26 17.45
CA LEU C 155 8.54 -20.30 16.35
C LEU C 155 7.97 -18.92 16.74
N LEU C 156 7.23 -18.88 17.84
CA LEU C 156 6.75 -17.60 18.40
C LEU C 156 7.85 -16.87 19.14
N ASN C 157 8.89 -17.62 19.53
CA ASN C 157 10.03 -17.07 20.28
C ASN C 157 10.33 -15.61 19.87
N PRO C 158 10.32 -14.70 20.87
CA PRO C 158 10.45 -13.25 20.72
C PRO C 158 11.68 -12.82 19.91
N LYS C 159 12.73 -13.64 19.95
CA LYS C 159 14.01 -13.33 19.31
C LYS C 159 14.12 -13.89 17.90
N GLY C 160 13.11 -14.65 17.49
CA GLY C 160 13.08 -15.26 16.17
C GLY C 160 12.75 -14.31 15.04
N LYS C 161 12.55 -14.89 13.85
CA LYS C 161 12.26 -14.12 12.64
C LYS C 161 10.82 -13.60 12.71
N PRO C 162 10.62 -12.29 12.44
CA PRO C 162 9.26 -11.73 12.45
C PRO C 162 8.28 -12.50 11.54
N ALA C 163 8.74 -12.92 10.35
CA ALA C 163 7.92 -13.70 9.42
C ALA C 163 7.40 -14.96 10.12
N ASN C 164 8.27 -15.64 10.86
CA ASN C 164 7.89 -16.86 11.60
C ASN C 164 6.90 -16.62 12.73
N GLN C 165 7.13 -15.56 13.52
CA GLN C 165 6.22 -15.12 14.56
C GLN C 165 4.82 -14.82 13.99
N LEU C 166 4.77 -14.00 12.94
CA LEU C 166 3.51 -13.67 12.26
C LEU C 166 2.76 -14.91 11.78
N LEU C 167 3.44 -15.74 11.01
CA LEU C 167 2.77 -16.88 10.40
C LEU C 167 2.37 -17.93 11.44
N ALA C 168 3.19 -18.10 12.46
CA ALA C 168 2.84 -18.97 13.59
C ALA C 168 1.57 -18.51 14.31
N LEU C 169 1.45 -17.20 14.55
CA LEU C 169 0.26 -16.64 15.18
C LEU C 169 -1.00 -16.82 14.31
N ARG C 170 -0.86 -16.56 13.02
CA ARG C 170 -1.97 -16.71 12.11
C ARG C 170 -2.45 -18.18 12.02
N THR C 171 -1.51 -19.12 12.08
CA THR C 171 -1.84 -20.56 12.06
C THR C 171 -2.67 -20.96 13.29
N PHE C 172 -2.24 -20.55 14.47
CA PHE C 172 -3.01 -20.78 15.69
C PHE C 172 -4.40 -20.17 15.60
N CYS C 173 -4.48 -18.93 15.13
CA CYS C 173 -5.77 -18.31 14.86
C CYS C 173 -6.64 -19.19 13.98
N ASN C 174 -6.05 -19.68 12.90
CA ASN C 174 -6.75 -20.55 11.97
C ASN C 174 -7.16 -21.92 12.48
N CYS C 175 -6.44 -22.47 13.45
CA CYS C 175 -6.78 -23.80 13.91
C CYS C 175 -8.06 -23.84 14.77
N PHE C 176 -8.56 -22.67 15.19
CA PHE C 176 -9.80 -22.61 15.96
C PHE C 176 -11.02 -23.02 15.18
N VAL C 177 -10.94 -23.04 13.85
CA VAL C 177 -12.12 -23.38 13.04
C VAL C 177 -12.51 -24.85 13.11
N GLY C 178 -11.58 -25.68 13.57
CA GLY C 178 -11.78 -27.11 13.67
C GLY C 178 -11.89 -27.57 15.11
N GLN C 179 -12.68 -28.62 15.32
CA GLN C 179 -12.91 -29.21 16.62
C GLN C 179 -11.60 -29.59 17.32
N ALA C 180 -10.75 -30.37 16.65
CA ALA C 180 -9.44 -30.74 17.18
C ALA C 180 -8.60 -29.52 17.54
N GLY C 181 -8.52 -28.56 16.61
CA GLY C 181 -7.80 -27.31 16.86
C GLY C 181 -8.30 -26.56 18.08
N GLN C 182 -9.61 -26.37 18.17
CA GLN C 182 -10.22 -25.66 19.32
C GLN C 182 -9.86 -26.35 20.63
N LYS C 183 -9.96 -27.67 20.64
CA LYS C 183 -9.62 -28.50 21.81
C LYS C 183 -8.15 -28.36 22.20
N LEU C 184 -7.27 -28.32 21.21
CA LEU C 184 -5.83 -28.14 21.46
C LEU C 184 -5.50 -26.73 21.99
N SER C 187 -6.43 -26.66 25.70
CA SER C 187 -5.50 -27.35 26.58
C SER C 187 -4.15 -26.66 26.65
N GLN C 188 -3.75 -26.00 25.56
CA GLN C 188 -2.46 -25.31 25.51
C GLN C 188 -2.56 -23.83 25.88
N ARG C 189 -3.74 -23.38 26.32
CA ARG C 189 -4.02 -21.94 26.53
C ARG C 189 -3.00 -21.18 27.38
N GLU C 190 -2.61 -21.75 28.51
CA GLU C 190 -1.71 -21.04 29.45
C GLU C 190 -0.34 -20.84 28.81
N SER C 191 0.17 -21.89 28.17
CA SER C 191 1.47 -21.87 27.50
C SER C 191 1.50 -20.95 26.28
N LEU C 192 0.45 -21.02 25.46
CA LEU C 192 0.40 -20.20 24.26
C LEU C 192 0.27 -18.72 24.58
N SER C 194 1.01 -17.13 27.26
CA SER C 194 2.22 -16.67 27.94
C SER C 194 3.38 -16.39 26.98
N HIS C 195 3.48 -17.19 25.92
CA HIS C 195 4.47 -16.96 24.87
C HIS C 195 4.04 -15.88 23.88
N ALA C 196 2.77 -15.90 23.48
CA ALA C 196 2.26 -14.94 22.49
C ALA C 196 2.38 -13.48 22.95
N ILE C 197 2.05 -13.22 24.21
CA ILE C 197 2.05 -11.87 24.77
C ILE C 197 3.40 -11.13 24.66
N GLU C 198 4.49 -11.90 24.65
CA GLU C 198 5.83 -11.31 24.63
C GLU C 198 6.07 -10.56 23.32
N LEU C 199 5.19 -10.80 22.36
CA LEU C 199 5.28 -10.21 21.03
C LEU C 199 4.58 -8.86 20.93
N LYS C 200 4.00 -8.40 22.03
CA LYS C 200 3.39 -7.07 22.11
C LYS C 200 4.43 -5.97 21.97
N SER C 201 5.59 -6.20 22.58
CA SER C 201 6.68 -5.23 22.65
C SER C 201 7.48 -5.23 21.37
N GLY C 202 7.81 -4.03 20.88
CA GLY C 202 8.66 -3.83 19.71
C GLY C 202 8.45 -4.80 18.56
N SER C 203 7.20 -4.92 18.10
CA SER C 203 6.88 -5.75 16.95
C SER C 203 6.47 -4.88 15.76
N ASN C 204 5.79 -5.48 14.79
CA ASN C 204 5.16 -4.74 13.74
C ASN C 204 3.64 -4.89 13.84
N LYS C 205 2.92 -4.05 13.11
CA LYS C 205 1.45 -4.00 13.17
C LYS C 205 0.78 -5.35 12.85
N ASN C 206 1.36 -6.13 11.92
CA ASN C 206 0.69 -7.34 11.50
C ASN C 206 0.71 -8.40 12.60
N ILE C 207 1.82 -8.42 13.31
CA ILE C 207 1.99 -9.24 14.49
C ILE C 207 0.98 -8.79 15.55
N HIS C 208 0.81 -7.49 15.76
CA HIS C 208 -0.17 -7.02 16.75
C HIS C 208 -1.62 -7.42 16.38
N ILE C 209 -1.93 -7.35 15.08
CA ILE C 209 -3.23 -7.78 14.56
C ILE C 209 -3.44 -9.28 14.82
N ALA C 210 -2.44 -10.09 14.52
CA ALA C 210 -2.57 -11.53 14.68
C ALA C 210 -2.68 -11.89 16.15
N LEU C 211 -1.92 -11.17 16.98
CA LEU C 211 -1.98 -11.34 18.41
C LEU C 211 -3.38 -11.00 18.98
N ALA C 212 -3.95 -9.87 18.56
CA ALA C 212 -5.30 -9.47 18.95
C ALA C 212 -6.34 -10.50 18.49
N THR C 213 -6.12 -11.06 17.31
CA THR C 213 -7.03 -12.04 16.75
C THR C 213 -7.00 -13.32 17.58
N LEU C 214 -5.82 -13.70 18.05
CA LEU C 214 -5.72 -14.86 18.95
C LEU C 214 -6.52 -14.63 20.23
N ALA C 215 -6.39 -13.44 20.84
CA ALA C 215 -7.21 -13.11 22.02
C ALA C 215 -8.71 -13.19 21.70
N LEU C 216 -9.09 -12.63 20.53
CA LEU C 216 -10.49 -12.65 20.07
C LEU C 216 -11.00 -14.09 19.92
N ASN C 217 -10.19 -14.94 19.32
CA ASN C 217 -10.55 -16.34 19.14
C ASN C 217 -10.76 -17.13 20.43
N TYR C 218 -9.87 -16.92 21.42
CA TYR C 218 -10.07 -17.51 22.75
C TYR C 218 -11.32 -16.94 23.40
N SER C 219 -11.51 -15.63 23.24
CA SER C 219 -12.65 -14.91 23.82
C SER C 219 -13.97 -15.48 23.33
N VAL C 220 -13.98 -15.89 22.07
CA VAL C 220 -15.13 -16.54 21.43
C VAL C 220 -15.47 -17.84 22.14
N CYS C 221 -14.44 -18.63 22.42
CA CYS C 221 -14.59 -19.91 23.09
C CYS C 221 -15.12 -19.79 24.51
N PHE C 222 -14.60 -18.80 25.23
CA PHE C 222 -14.99 -18.61 26.63
C PHE C 222 -16.34 -17.94 26.79
N HIS C 223 -16.71 -17.14 25.80
CA HIS C 223 -18.06 -16.60 25.73
C HIS C 223 -19.07 -17.75 25.58
N LYS C 224 -18.71 -18.74 24.78
CA LYS C 224 -19.60 -19.84 24.44
C LYS C 224 -19.74 -20.87 25.54
N ASP C 225 -18.67 -21.07 26.30
CA ASP C 225 -18.65 -22.07 27.36
C ASP C 225 -18.74 -21.50 28.78
N HIS C 226 -18.84 -20.17 28.88
CA HIS C 226 -18.99 -19.46 30.17
C HIS C 226 -17.90 -19.76 31.21
N ASN C 227 -16.65 -19.73 30.81
CA ASN C 227 -15.53 -20.09 31.71
C ASN C 227 -14.86 -18.83 32.26
N ILE C 228 -15.06 -18.55 33.54
CA ILE C 228 -14.64 -17.26 34.12
C ILE C 228 -13.12 -17.17 34.26
N GLU C 229 -12.48 -18.29 34.58
CA GLU C 229 -11.02 -18.29 34.71
C GLU C 229 -10.40 -18.04 33.34
N GLY C 230 -10.98 -18.67 32.32
CA GLY C 230 -10.60 -18.45 30.92
C GLY C 230 -10.78 -16.98 30.54
N LYS C 231 -11.96 -16.44 30.83
CA LYS C 231 -12.25 -15.02 30.56
C LYS C 231 -11.29 -14.11 31.30
N ALA C 232 -11.00 -14.43 32.56
CA ALA C 232 -9.96 -13.70 33.32
C ALA C 232 -8.64 -13.61 32.56
N GLN C 233 -8.14 -14.74 32.05
CA GLN C 233 -6.85 -14.68 31.36
C GLN C 233 -6.90 -13.87 30.07
N CYS C 234 -8.02 -13.98 29.35
CA CYS C 234 -8.24 -13.20 28.13
C CYS C 234 -8.29 -11.71 28.44
N LEU C 235 -9.00 -11.35 29.51
CA LEU C 235 -9.10 -9.95 29.94
C LEU C 235 -7.74 -9.37 30.35
N SER C 236 -6.94 -10.15 31.06
CA SER C 236 -5.61 -9.64 31.46
C SER C 236 -4.69 -9.49 30.23
N LEU C 237 -4.74 -10.46 29.30
CA LEU C 237 -4.00 -10.34 28.06
C LEU C 237 -4.43 -9.10 27.21
N ILE C 238 -5.72 -8.93 27.00
CA ILE C 238 -6.21 -7.70 26.33
C ILE C 238 -5.73 -6.42 27.01
N SER C 239 -5.86 -6.33 28.33
CA SER C 239 -5.40 -5.18 29.07
C SER C 239 -3.90 -4.87 28.81
N THR C 240 -3.09 -5.92 28.76
CA THR C 240 -1.64 -5.83 28.66
C THR C 240 -1.27 -5.30 27.27
N ILE C 241 -1.96 -5.82 26.27
CA ILE C 241 -1.73 -5.42 24.89
C ILE C 241 -2.24 -4.03 24.63
N LEU C 242 -3.39 -3.69 25.21
CA LEU C 242 -3.91 -2.31 25.12
C LEU C 242 -2.96 -1.23 25.62
N GLU C 243 -2.07 -1.58 26.56
CA GLU C 243 -1.11 -0.61 27.11
C GLU C 243 -0.13 -0.13 26.04
N VAL C 244 0.10 -0.93 25.00
CA VAL C 244 1.13 -0.57 24.02
C VAL C 244 0.66 -0.47 22.57
N VAL C 245 -0.39 -1.21 22.22
CA VAL C 245 -0.81 -1.27 20.81
C VAL C 245 -1.19 0.11 20.30
N GLN C 246 -0.73 0.44 19.09
CA GLN C 246 -1.14 1.65 18.37
C GLN C 246 -2.00 1.34 17.12
N ASP C 247 -1.77 0.22 16.47
CA ASP C 247 -2.51 -0.06 15.24
C ASP C 247 -4.00 -0.17 15.53
N LEU C 248 -4.81 0.60 14.83
CA LEU C 248 -6.23 0.67 15.14
C LEU C 248 -7.02 -0.57 14.67
N GLU C 249 -6.50 -1.33 13.71
CA GLU C 249 -7.14 -2.62 13.37
C GLU C 249 -6.93 -3.63 14.50
N ALA C 250 -5.71 -3.70 15.01
CA ALA C 250 -5.45 -4.54 16.17
C ALA C 250 -6.31 -4.10 17.36
N THR C 251 -6.40 -2.78 17.56
CA THR C 251 -7.20 -2.23 18.64
C THR C 251 -8.66 -2.65 18.52
N PHE C 252 -9.18 -2.54 17.31
CA PHE C 252 -10.54 -2.97 17.04
C PHE C 252 -10.78 -4.42 17.45
N ARG C 253 -9.88 -5.33 17.06
CA ARG C 253 -10.10 -6.74 17.38
C ARG C 253 -10.00 -6.98 18.86
N LEU C 254 -9.14 -6.22 19.55
CA LEU C 254 -9.07 -6.26 21.01
C LEU C 254 -10.39 -5.82 21.67
N LEU C 255 -10.97 -4.74 21.16
CA LEU C 255 -12.25 -4.26 21.65
C LEU C 255 -13.36 -5.28 21.36
N VAL C 256 -13.36 -5.86 20.17
CA VAL C 256 -14.33 -6.94 19.85
C VAL C 256 -14.21 -8.07 20.89
N ALA C 257 -12.98 -8.47 21.19
CA ALA C 257 -12.70 -9.55 22.16
C ALA C 257 -13.23 -9.17 23.56
N LEU C 258 -12.97 -7.93 23.96
CA LEU C 258 -13.42 -7.45 25.28
C LEU C 258 -14.96 -7.48 25.40
N GLY C 259 -15.66 -6.98 24.38
CA GLY C 259 -17.14 -6.95 24.42
C GLY C 259 -17.72 -8.37 24.37
N THR C 260 -17.10 -9.23 23.57
CA THR C 260 -17.43 -10.67 23.53
C THR C 260 -17.26 -11.31 24.93
N LEU C 261 -16.23 -10.90 25.66
CA LEU C 261 -16.02 -11.45 27.02
C LEU C 261 -17.05 -10.98 28.06
N ILE C 262 -17.42 -9.70 28.01
CA ILE C 262 -18.28 -9.10 29.03
C ILE C 262 -19.77 -9.18 28.71
N SER C 263 -20.10 -9.56 27.48
CA SER C 263 -21.49 -9.66 27.06
C SER C 263 -22.30 -10.63 27.91
N ASP C 264 -23.38 -10.11 28.51
CA ASP C 264 -24.27 -10.89 29.37
C ASP C 264 -23.54 -11.57 30.53
N ASP C 265 -22.41 -11.01 30.95
CA ASP C 265 -21.62 -11.63 32.03
C ASP C 265 -21.14 -10.63 33.07
N SER C 266 -21.92 -10.47 34.13
CA SER C 266 -21.62 -9.45 35.15
C SER C 266 -20.34 -9.74 35.94
N ASN C 267 -20.02 -11.03 36.09
CA ASN C 267 -18.73 -11.44 36.66
C ASN C 267 -17.55 -10.94 35.83
N ALA C 268 -17.67 -11.03 34.49
CA ALA C 268 -16.58 -10.65 33.60
C ALA C 268 -16.45 -9.13 33.61
N VAL C 269 -17.59 -8.45 33.64
CA VAL C 269 -17.64 -6.99 33.83
C VAL C 269 -16.81 -6.55 35.06
N GLN C 270 -17.02 -7.21 36.18
CA GLN C 270 -16.32 -6.87 37.43
C GLN C 270 -14.81 -7.03 37.32
N LEU C 271 -14.40 -8.17 36.77
CA LEU C 271 -12.99 -8.48 36.50
C LEU C 271 -12.35 -7.43 35.59
N ALA C 272 -13.01 -7.13 34.49
CA ALA C 272 -12.55 -6.07 33.56
C ALA C 272 -12.31 -4.75 34.28
N LYS C 273 -13.30 -4.30 35.06
CA LYS C 273 -13.20 -3.09 35.85
C LYS C 273 -12.07 -3.16 36.88
N SER C 274 -11.88 -4.32 37.53
CA SER C 274 -10.77 -4.47 38.49
C SER C 274 -9.40 -4.25 37.82
N LEU C 275 -9.32 -4.61 36.54
CA LEU C 275 -8.10 -4.46 35.73
C LEU C 275 -7.91 -3.03 35.22
N GLY C 276 -8.91 -2.19 35.48
CA GLY C 276 -8.93 -0.82 34.98
C GLY C 276 -9.05 -0.70 33.47
N VAL C 277 -9.66 -1.71 32.84
N VAL C 277 -9.65 -1.69 32.80
CA VAL C 277 -9.85 -1.71 31.38
CA VAL C 277 -9.78 -1.62 31.34
C VAL C 277 -10.68 -0.50 30.94
C VAL C 277 -10.73 -0.53 30.89
N ASP C 278 -11.68 -0.14 31.75
CA ASP C 278 -12.58 0.97 31.45
C ASP C 278 -11.78 2.24 31.21
N SER C 279 -10.83 2.52 32.10
CA SER C 279 -9.97 3.68 31.95
C SER C 279 -9.10 3.59 30.70
N GLN C 280 -8.62 2.40 30.41
CA GLN C 280 -7.74 2.19 29.26
C GLN C 280 -8.40 2.48 27.92
N ILE C 281 -9.70 2.26 27.83
CA ILE C 281 -10.37 2.41 26.54
C ILE C 281 -11.03 3.77 26.33
N LYS C 282 -11.01 4.65 27.33
CA LYS C 282 -11.65 5.96 27.21
C LYS C 282 -11.15 6.74 25.98
N LYS C 283 -9.86 6.64 25.67
CA LYS C 283 -9.31 7.36 24.53
C LYS C 283 -9.90 6.90 23.19
N TYR C 284 -10.42 5.68 23.12
CA TYR C 284 -10.95 5.18 21.85
C TYR C 284 -12.33 5.75 21.52
N SER C 285 -13.03 6.28 22.52
CA SER C 285 -14.29 6.99 22.28
C SER C 285 -14.04 8.26 21.46
N SER C 286 -12.83 8.81 21.54
CA SER C 286 -12.46 10.01 20.80
C SER C 286 -11.91 9.75 19.38
N VAL C 287 -11.72 8.47 19.02
CA VAL C 287 -11.19 8.09 17.69
C VAL C 287 -12.22 8.41 16.61
N SER C 288 -11.80 9.15 15.58
CA SER C 288 -12.67 9.51 14.47
C SER C 288 -12.72 8.43 13.41
N GLU C 289 -11.54 8.03 12.95
CA GLU C 289 -11.42 6.95 11.96
C GLU C 289 -10.34 5.96 12.38
N PRO C 290 -10.60 4.67 12.17
CA PRO C 290 -11.86 4.10 11.67
C PRO C 290 -12.96 4.17 12.74
N ALA C 291 -14.16 4.52 12.27
CA ALA C 291 -15.32 4.71 13.15
C ALA C 291 -15.67 3.45 13.95
N LYS C 292 -15.35 2.26 13.41
CA LYS C 292 -15.67 1.00 14.11
C LYS C 292 -15.04 0.92 15.47
N VAL C 293 -13.87 1.57 15.62
CA VAL C 293 -13.19 1.63 16.93
C VAL C 293 -14.00 2.35 18.03
N SER C 294 -14.38 3.61 17.78
CA SER C 294 -15.11 4.40 18.76
C SER C 294 -16.51 3.86 18.97
N GLU C 295 -17.12 3.39 17.88
CA GLU C 295 -18.43 2.73 17.93
C GLU C 295 -18.45 1.47 18.78
N CYS C 296 -17.52 0.55 18.52
CA CYS C 296 -17.34 -0.63 19.41
C CYS C 296 -17.08 -0.23 20.86
N CYS C 297 -16.21 0.77 21.06
CA CYS C 297 -15.89 1.25 22.39
C CYS C 297 -17.13 1.77 23.13
N ARG C 298 -18.03 2.48 22.45
CA ARG C 298 -19.24 3.02 23.10
C ARG C 298 -20.11 1.92 23.68
N PHE C 299 -20.29 0.85 22.91
CA PHE C 299 -21.06 -0.32 23.34
C PHE C 299 -20.42 -0.95 24.58
N ILE C 300 -19.10 -1.04 24.59
CA ILE C 300 -18.39 -1.60 25.76
C ILE C 300 -18.54 -0.70 26.99
N LEU C 301 -18.30 0.58 26.81
CA LEU C 301 -18.35 1.52 27.94
C LEU C 301 -19.74 1.63 28.54
N ASN C 302 -20.76 1.36 27.73
CA ASN C 302 -22.12 1.25 28.22
C ASN C 302 -22.34 0.04 29.13
N LEU C 303 -21.49 -0.98 29.02
CA LEU C 303 -21.63 -2.17 29.87
C LEU C 303 -20.78 -2.11 31.13
N LEU C 304 -19.78 -1.24 31.10
CA LEU C 304 -18.94 -1.02 32.28
C LEU C 304 -19.42 0.23 32.98
N ASN D 41 -2.80 -28.01 -10.65
CA ASN D 41 -1.94 -26.81 -10.44
C ASN D 41 -2.57 -25.82 -9.44
N ILE D 42 -1.80 -24.82 -9.02
CA ILE D 42 -2.27 -23.90 -7.97
C ILE D 42 -3.37 -22.94 -8.44
N TYR D 43 -3.64 -22.91 -9.75
CA TYR D 43 -4.55 -21.89 -10.31
C TYR D 43 -5.95 -22.43 -10.62
N PHE D 44 -6.00 -23.64 -11.20
CA PHE D 44 -7.27 -24.21 -11.66
C PHE D 44 -7.14 -25.73 -11.78
N PRO D 45 -8.27 -26.45 -11.92
CA PRO D 45 -9.65 -25.94 -11.92
C PRO D 45 -10.16 -25.58 -10.50
N LYS D 46 -10.82 -24.43 -10.39
CA LYS D 46 -11.42 -24.02 -9.13
C LYS D 46 -12.67 -24.85 -8.93
N LYS D 47 -12.87 -25.35 -7.72
CA LYS D 47 -13.97 -26.27 -7.43
C LYS D 47 -15.11 -25.63 -6.62
N GLU D 48 -14.94 -24.37 -6.23
CA GLU D 48 -15.95 -23.64 -5.46
C GLU D 48 -15.96 -22.19 -5.89
N ALA D 49 -17.08 -21.51 -5.66
CA ALA D 49 -17.25 -20.11 -6.08
C ALA D 49 -16.20 -19.19 -5.46
N VAL D 50 -15.79 -18.19 -6.23
CA VAL D 50 -14.89 -17.16 -5.75
C VAL D 50 -15.79 -16.01 -5.33
N THR D 51 -15.56 -15.49 -4.13
CA THR D 51 -16.50 -14.54 -3.53
C THR D 51 -15.87 -13.23 -3.10
N PHE D 52 -16.76 -12.28 -2.78
CA PHE D 52 -16.40 -10.97 -2.25
C PHE D 52 -16.80 -10.90 -0.78
N ASP D 53 -15.82 -11.09 0.09
CA ASP D 53 -16.08 -11.33 1.51
C ASP D 53 -15.76 -10.14 2.38
N GLN D 54 -15.14 -9.12 1.78
CA GLN D 54 -14.59 -7.99 2.53
C GLN D 54 -15.74 -7.30 3.24
N ALA D 55 -15.59 -7.14 4.56
CA ALA D 55 -16.67 -6.67 5.43
C ALA D 55 -16.31 -5.35 6.13
N ASN D 56 -17.14 -4.35 5.87
CA ASN D 56 -17.01 -3.03 6.46
C ASN D 56 -18.36 -2.57 6.99
N PRO D 57 -19.01 -3.39 7.86
CA PRO D 57 -20.39 -3.09 8.27
C PRO D 57 -20.61 -1.69 8.83
N THR D 58 -19.64 -1.17 9.59
CA THR D 58 -19.77 0.16 10.18
C THR D 58 -19.95 1.23 9.10
N GLN D 59 -19.12 1.14 8.07
CA GLN D 59 -19.20 2.09 6.96
C GLN D 59 -20.45 1.91 6.13
N ILE D 60 -20.81 0.65 5.87
CA ILE D 60 -22.01 0.33 5.13
C ILE D 60 -23.22 0.92 5.85
N LEU D 61 -23.37 0.58 7.13
CA LEU D 61 -24.51 1.03 7.93
C LEU D 61 -24.55 2.55 8.08
N GLY D 62 -23.40 3.15 8.35
CA GLY D 62 -23.27 4.61 8.43
C GLY D 62 -23.76 5.31 7.18
N LYS D 63 -23.35 4.82 6.01
CA LYS D 63 -23.75 5.46 4.75
C LYS D 63 -25.23 5.17 4.44
N LEU D 64 -25.68 3.95 4.75
CA LEU D 64 -27.09 3.65 4.60
C LEU D 64 -27.92 4.71 5.36
N LYS D 65 -27.58 4.94 6.63
CA LYS D 65 -28.28 5.91 7.47
C LYS D 65 -28.18 7.33 6.94
N GLU D 66 -26.98 7.72 6.51
CA GLU D 66 -26.74 9.06 5.99
C GLU D 66 -27.62 9.32 4.76
N LEU D 67 -27.58 8.39 3.79
CA LEU D 67 -28.37 8.56 2.56
C LEU D 67 -29.88 8.42 2.81
N ASN D 68 -30.26 7.58 3.77
CA ASN D 68 -31.66 7.38 4.10
C ASN D 68 -32.31 8.68 4.52
N GLY D 69 -31.54 9.57 5.14
CA GLY D 69 -32.05 10.88 5.55
C GLY D 69 -32.40 11.78 4.38
N THR D 70 -31.97 11.41 3.18
CA THR D 70 -32.23 12.21 1.98
C THR D 70 -33.35 11.61 1.13
N ALA D 71 -33.89 10.47 1.58
CA ALA D 71 -34.92 9.72 0.85
C ALA D 71 -36.31 10.36 0.91
N PRO D 72 -37.11 10.20 -0.16
CA PRO D 72 -38.49 10.66 -0.12
C PRO D 72 -39.24 9.91 0.96
N GLU D 73 -40.23 10.54 1.57
CA GLU D 73 -40.90 9.94 2.73
C GLU D 73 -41.60 8.60 2.42
N GLU D 74 -41.98 8.41 1.15
CA GLU D 74 -42.60 7.16 0.73
C GLU D 74 -41.60 6.00 0.77
N LYS D 75 -40.34 6.28 0.40
CA LYS D 75 -39.30 5.25 0.32
C LYS D 75 -38.45 5.15 1.58
N LYS D 76 -38.55 6.15 2.46
CA LYS D 76 -37.63 6.25 3.58
C LYS D 76 -37.83 5.09 4.56
N LEU D 77 -36.72 4.42 4.89
CA LEU D 77 -36.70 3.40 5.93
C LEU D 77 -36.91 4.02 7.32
N THR D 78 -37.84 3.45 8.08
CA THR D 78 -38.12 3.89 9.45
C THR D 78 -36.94 3.59 10.38
N GLU D 79 -36.97 4.19 11.57
CA GLU D 79 -35.94 3.94 12.59
C GLU D 79 -35.94 2.44 12.89
N ASP D 80 -37.14 1.88 12.91
CA ASP D 80 -37.38 0.47 13.18
C ASP D 80 -36.86 -0.46 12.07
N ASP D 81 -37.05 -0.07 10.80
CA ASP D 81 -36.45 -0.78 9.66
C ASP D 81 -34.92 -0.81 9.80
N LEU D 82 -34.33 0.35 10.09
CA LEU D 82 -32.88 0.51 10.25
C LEU D 82 -32.27 -0.39 11.33
N ILE D 83 -33.01 -0.56 12.43
CA ILE D 83 -32.61 -1.48 13.50
C ILE D 83 -32.64 -2.91 13.00
N LEU D 84 -33.69 -3.27 12.24
CA LEU D 84 -33.74 -4.59 11.62
C LEU D 84 -32.59 -4.89 10.66
N LEU D 85 -32.18 -3.88 9.87
CA LEU D 85 -31.05 -4.07 8.97
C LEU D 85 -29.76 -4.24 9.76
N GLU D 86 -29.62 -3.48 10.84
CA GLU D 86 -28.50 -3.60 11.77
C GLU D 86 -28.45 -5.00 12.38
N LYS D 87 -29.62 -5.57 12.67
CA LYS D 87 -29.69 -6.93 13.20
C LYS D 87 -29.20 -7.99 12.19
N ILE D 88 -29.58 -7.85 10.92
CA ILE D 88 -29.09 -8.75 9.87
C ILE D 88 -27.57 -8.73 9.79
N LEU D 89 -27.00 -7.53 9.79
CA LEU D 89 -25.56 -7.36 9.76
C LEU D 89 -24.90 -8.01 10.96
N SER D 90 -25.50 -7.78 12.13
CA SER D 90 -25.02 -8.36 13.37
C SER D 90 -24.94 -9.87 13.28
N LEU D 91 -26.00 -10.50 12.79
CA LEU D 91 -26.06 -11.96 12.62
C LEU D 91 -24.98 -12.45 11.67
N ILE D 92 -24.84 -11.79 10.53
CA ILE D 92 -23.86 -12.17 9.52
C ILE D 92 -22.43 -11.97 10.00
N CYS D 93 -22.17 -10.79 10.54
CA CYS D 93 -20.83 -10.45 10.95
C CYS D 93 -20.42 -11.18 12.23
N ASN D 94 -21.37 -11.42 13.14
CA ASN D 94 -21.04 -12.10 14.40
C ASN D 94 -21.05 -13.62 14.29
N SER D 95 -21.45 -14.11 13.11
CA SER D 95 -21.55 -15.54 12.82
C SER D 95 -22.49 -16.24 13.80
N SER D 96 -23.60 -15.57 14.13
CA SER D 96 -24.58 -16.13 15.05
C SER D 96 -25.24 -17.39 14.47
N SER D 97 -25.59 -18.33 15.36
CA SER D 97 -26.37 -19.51 14.95
C SER D 97 -27.82 -19.12 14.68
N GLU D 98 -28.20 -17.92 15.14
CA GLU D 98 -29.56 -17.42 15.03
C GLU D 98 -29.83 -17.01 13.58
N LYS D 99 -30.83 -17.62 12.96
CA LYS D 99 -31.20 -17.32 11.58
C LYS D 99 -31.94 -15.97 11.52
N PRO D 100 -31.79 -15.22 10.41
CA PRO D 100 -32.60 -13.99 10.27
C PRO D 100 -34.07 -14.32 10.19
N THR D 101 -34.91 -13.44 10.73
CA THR D 101 -36.35 -13.63 10.67
C THR D 101 -36.86 -13.29 9.27
N VAL D 102 -38.11 -13.66 8.96
CA VAL D 102 -38.71 -13.27 7.68
C VAL D 102 -38.92 -11.75 7.63
N GLN D 103 -39.21 -11.16 8.78
CA GLN D 103 -39.38 -9.70 8.85
C GLN D 103 -38.08 -9.00 8.44
N GLN D 104 -36.95 -9.54 8.90
CA GLN D 104 -35.64 -8.96 8.60
C GLN D 104 -35.38 -9.07 7.12
N LEU D 105 -35.69 -10.23 6.54
CA LEU D 105 -35.51 -10.48 5.12
C LEU D 105 -36.40 -9.54 4.29
N GLN D 106 -37.61 -9.34 4.76
CA GLN D 106 -38.51 -8.41 4.08
C GLN D 106 -37.95 -6.98 4.11
N ILE D 107 -37.26 -6.63 5.20
CA ILE D 107 -36.70 -5.26 5.31
C ILE D 107 -35.48 -5.11 4.38
N LEU D 108 -34.74 -6.19 4.18
CA LEU D 108 -33.62 -6.16 3.24
C LEU D 108 -34.13 -5.96 1.80
N TRP D 109 -35.19 -6.67 1.45
CA TRP D 109 -35.82 -6.49 0.16
C TRP D 109 -36.29 -5.04 -0.02
N LYS D 110 -36.93 -4.49 1.02
CA LYS D 110 -37.37 -3.10 1.03
C LYS D 110 -36.20 -2.15 0.76
N ALA D 111 -35.12 -2.36 1.49
CA ALA D 111 -33.88 -1.57 1.42
C ALA D 111 -33.27 -1.55 0.04
N ILE D 112 -33.21 -2.72 -0.61
CA ILE D 112 -32.65 -2.78 -1.97
C ILE D 112 -33.62 -2.26 -3.03
N ASN D 113 -34.83 -1.86 -2.61
CA ASN D 113 -35.81 -1.31 -3.53
C ASN D 113 -35.96 0.22 -3.42
N CYS D 114 -35.10 0.83 -2.62
CA CYS D 114 -35.05 2.26 -2.51
C CYS D 114 -34.48 2.90 -3.79
N PRO D 115 -34.50 4.24 -3.91
CA PRO D 115 -34.11 4.87 -5.20
C PRO D 115 -32.65 4.58 -5.58
N GLU D 116 -32.43 4.37 -6.88
CA GLU D 116 -31.12 3.92 -7.36
C GLU D 116 -29.99 4.85 -6.97
N ASP D 117 -30.32 6.13 -6.81
CA ASP D 117 -29.39 7.14 -6.33
C ASP D 117 -28.76 6.82 -4.98
N ILE D 118 -29.52 6.17 -4.10
CA ILE D 118 -29.08 5.99 -2.72
C ILE D 118 -29.07 4.54 -2.25
N VAL D 119 -29.22 3.63 -3.19
CA VAL D 119 -29.40 2.21 -2.86
C VAL D 119 -28.09 1.44 -2.56
N PHE D 120 -26.94 1.99 -2.97
CA PHE D 120 -25.71 1.20 -2.93
C PHE D 120 -25.37 0.59 -1.54
N PRO D 121 -25.54 1.34 -0.42
CA PRO D 121 -25.24 0.69 0.85
C PRO D 121 -26.13 -0.53 1.14
N ALA D 122 -27.41 -0.48 0.78
CA ALA D 122 -28.29 -1.65 0.91
C ALA D 122 -27.83 -2.77 0.00
N LEU D 123 -27.39 -2.45 -1.21
CA LEU D 123 -26.83 -3.50 -2.11
C LEU D 123 -25.59 -4.18 -1.51
N ASP D 124 -24.82 -3.44 -0.72
CA ASP D 124 -23.63 -3.99 -0.03
C ASP D 124 -23.99 -4.93 1.12
N ILE D 125 -25.08 -4.61 1.84
CA ILE D 125 -25.63 -5.53 2.84
C ILE D 125 -26.10 -6.81 2.14
N LEU D 126 -26.77 -6.66 1.00
CA LEU D 126 -27.20 -7.80 0.22
C LEU D 126 -26.01 -8.64 -0.29
N ARG D 127 -24.99 -7.96 -0.82
CA ARG D 127 -23.75 -8.60 -1.25
C ARG D 127 -23.15 -9.50 -0.14
N LEU D 128 -23.01 -8.92 1.05
CA LEU D 128 -22.50 -9.65 2.21
C LEU D 128 -23.39 -10.82 2.61
N SER D 129 -24.70 -10.54 2.64
CA SER D 129 -25.65 -11.43 3.28
C SER D 129 -26.04 -12.59 2.42
N ILE D 130 -25.88 -12.45 1.11
CA ILE D 130 -26.46 -13.43 0.17
C ILE D 130 -25.75 -14.79 0.26
N LYS D 131 -24.60 -14.81 0.94
CA LYS D 131 -23.85 -16.05 1.16
C LYS D 131 -24.47 -16.94 2.25
N HIS D 132 -25.24 -16.31 3.15
CA HIS D 132 -25.85 -17.03 4.27
C HIS D 132 -26.99 -17.89 3.72
N PRO D 133 -27.03 -19.17 4.10
CA PRO D 133 -28.05 -20.09 3.61
C PRO D 133 -29.49 -19.57 3.68
N SER D 134 -29.88 -18.93 4.79
CA SER D 134 -31.24 -18.38 4.97
C SER D 134 -31.55 -17.27 3.96
N VAL D 135 -30.57 -16.40 3.73
CA VAL D 135 -30.74 -15.31 2.78
C VAL D 135 -30.69 -15.88 1.35
N ASN D 136 -29.72 -16.76 1.11
CA ASN D 136 -29.57 -17.38 -0.21
C ASN D 136 -30.83 -18.15 -0.65
N GLU D 137 -31.37 -19.01 0.21
CA GLU D 137 -32.55 -19.81 -0.14
C GLU D 137 -33.76 -18.93 -0.40
N ASN D 138 -33.94 -17.91 0.45
CA ASN D 138 -35.13 -17.09 0.41
C ASN D 138 -35.17 -16.09 -0.74
N PHE D 139 -34.01 -15.59 -1.15
CA PHE D 139 -33.90 -14.68 -2.29
C PHE D 139 -33.75 -15.41 -3.64
N CYS D 140 -33.14 -16.58 -3.63
CA CYS D 140 -32.80 -17.28 -4.88
C CYS D 140 -33.64 -18.49 -5.24
N ASN D 141 -34.58 -18.88 -4.36
CA ASN D 141 -35.45 -20.04 -4.64
C ASN D 141 -36.34 -19.84 -5.86
N GLU D 142 -36.90 -20.94 -6.35
CA GLU D 142 -37.72 -20.92 -7.57
C GLU D 142 -38.93 -19.98 -7.49
N LYS D 143 -39.33 -19.61 -6.28
CA LYS D 143 -40.53 -18.79 -6.08
C LYS D 143 -40.28 -17.28 -6.12
N GLU D 144 -39.18 -16.83 -5.50
CA GLU D 144 -38.82 -15.40 -5.47
C GLU D 144 -37.55 -15.08 -6.27
N GLY D 145 -36.93 -16.11 -6.85
CA GLY D 145 -35.65 -15.97 -7.55
C GLY D 145 -35.69 -15.12 -8.81
N ALA D 146 -36.74 -15.28 -9.60
CA ALA D 146 -36.98 -14.52 -10.83
C ALA D 146 -37.01 -13.00 -10.60
N GLN D 147 -37.63 -12.58 -9.50
CA GLN D 147 -37.72 -11.15 -9.18
C GLN D 147 -36.37 -10.60 -8.67
N PHE D 148 -35.67 -11.41 -7.88
CA PHE D 148 -34.34 -11.04 -7.40
C PHE D 148 -33.37 -10.84 -8.56
N SER D 149 -33.33 -11.80 -9.49
CA SER D 149 -32.35 -11.69 -10.56
C SER D 149 -32.70 -10.52 -11.51
N SER D 150 -33.98 -10.36 -11.84
CA SER D 150 -34.41 -9.24 -12.68
C SER D 150 -34.04 -7.90 -12.06
N HIS D 151 -34.15 -7.82 -10.74
CA HIS D 151 -33.83 -6.59 -10.00
C HIS D 151 -32.35 -6.27 -10.18
N LEU D 152 -31.48 -7.23 -9.89
CA LEU D 152 -30.05 -7.04 -10.03
C LEU D 152 -29.60 -6.84 -11.49
N ILE D 153 -30.26 -7.53 -12.42
CA ILE D 153 -29.93 -7.39 -13.85
C ILE D 153 -30.31 -6.01 -14.37
N ASN D 154 -31.38 -5.45 -13.80
CA ASN D 154 -31.76 -4.06 -14.08
C ASN D 154 -30.64 -3.10 -13.68
N LEU D 155 -30.00 -3.40 -12.55
CA LEU D 155 -28.90 -2.58 -12.06
C LEU D 155 -27.61 -2.78 -12.88
N LEU D 156 -27.64 -3.71 -13.82
CA LEU D 156 -26.51 -3.92 -14.75
C LEU D 156 -26.64 -3.04 -15.99
N ASN D 157 -27.79 -2.39 -16.14
CA ASN D 157 -27.99 -1.45 -17.24
C ASN D 157 -26.73 -0.58 -17.37
N PRO D 158 -26.10 -0.61 -18.57
CA PRO D 158 -24.83 0.09 -18.78
C PRO D 158 -24.89 1.60 -18.48
N LYS D 159 -26.05 2.21 -18.66
CA LYS D 159 -26.21 3.64 -18.42
C LYS D 159 -26.32 3.96 -16.93
N GLY D 160 -26.57 2.94 -16.11
CA GLY D 160 -26.81 3.13 -14.68
C GLY D 160 -25.58 3.53 -13.88
N LYS D 161 -25.77 3.62 -12.56
CA LYS D 161 -24.73 4.08 -11.66
C LYS D 161 -23.68 2.97 -11.46
N PRO D 162 -22.38 3.29 -11.67
CA PRO D 162 -21.30 2.32 -11.49
C PRO D 162 -21.31 1.63 -10.14
N ALA D 163 -21.56 2.36 -9.04
CA ALA D 163 -21.67 1.73 -7.71
C ALA D 163 -22.67 0.57 -7.70
N ASN D 164 -23.82 0.80 -8.35
CA ASN D 164 -24.89 -0.19 -8.41
C ASN D 164 -24.48 -1.39 -9.27
N GLN D 165 -23.93 -1.10 -10.45
CA GLN D 165 -23.43 -2.15 -11.34
C GLN D 165 -22.41 -3.02 -10.60
N LEU D 166 -21.50 -2.39 -9.89
CA LEU D 166 -20.46 -3.13 -9.18
C LEU D 166 -21.06 -4.07 -8.15
N LEU D 167 -21.94 -3.53 -7.30
CA LEU D 167 -22.51 -4.32 -6.22
C LEU D 167 -23.48 -5.40 -6.71
N ALA D 168 -24.18 -5.12 -7.82
CA ALA D 168 -25.03 -6.13 -8.44
C ALA D 168 -24.18 -7.31 -8.93
N LEU D 169 -23.04 -7.02 -9.59
CA LEU D 169 -22.13 -8.08 -10.04
C LEU D 169 -21.53 -8.86 -8.87
N ARG D 170 -21.10 -8.16 -7.84
CA ARG D 170 -20.49 -8.84 -6.70
C ARG D 170 -21.54 -9.66 -5.97
N THR D 171 -22.79 -9.20 -5.96
CA THR D 171 -23.86 -9.96 -5.33
C THR D 171 -24.07 -11.26 -6.11
N PHE D 172 -24.15 -11.16 -7.43
CA PHE D 172 -24.29 -12.33 -8.30
C PHE D 172 -23.14 -13.33 -8.07
N CYS D 173 -21.91 -12.84 -7.98
CA CYS D 173 -20.78 -13.76 -7.68
C CYS D 173 -20.98 -14.52 -6.37
N ASN D 174 -21.42 -13.79 -5.34
CA ASN D 174 -21.63 -14.35 -3.99
C ASN D 174 -22.79 -15.31 -3.87
N CYS D 175 -23.81 -15.14 -4.71
CA CYS D 175 -24.95 -16.04 -4.59
C CYS D 175 -24.64 -17.48 -5.06
N PHE D 176 -23.55 -17.66 -5.84
CA PHE D 176 -23.10 -19.00 -6.26
C PHE D 176 -22.74 -19.93 -5.07
N VAL D 177 -22.45 -19.37 -3.88
CA VAL D 177 -22.04 -20.21 -2.74
C VAL D 177 -23.20 -21.08 -2.26
N GLY D 178 -24.42 -20.64 -2.51
CA GLY D 178 -25.60 -21.38 -2.06
C GLY D 178 -26.20 -22.22 -3.17
N GLN D 179 -26.83 -23.33 -2.78
CA GLN D 179 -27.46 -24.26 -3.72
C GLN D 179 -28.52 -23.60 -4.61
N ALA D 180 -29.35 -22.74 -3.99
CA ALA D 180 -30.43 -22.06 -4.71
C ALA D 180 -29.85 -20.99 -5.63
N GLY D 181 -28.83 -20.29 -5.14
CA GLY D 181 -28.14 -19.28 -5.94
C GLY D 181 -27.52 -19.87 -7.19
N GLN D 182 -26.85 -21.01 -7.04
CA GLN D 182 -26.20 -21.67 -8.17
C GLN D 182 -27.21 -22.07 -9.22
N LYS D 183 -28.29 -22.70 -8.75
CA LYS D 183 -29.41 -23.11 -9.59
C LYS D 183 -30.02 -21.94 -10.34
N LEU D 184 -30.31 -20.87 -9.62
CA LEU D 184 -30.77 -19.61 -10.21
C LEU D 184 -29.82 -19.03 -11.26
N SER D 187 -30.01 -21.15 -14.43
CA SER D 187 -31.31 -21.03 -15.10
C SER D 187 -31.54 -19.66 -15.76
N GLN D 188 -30.76 -18.67 -15.31
CA GLN D 188 -30.79 -17.29 -15.83
C GLN D 188 -29.50 -16.99 -16.59
N ARG D 189 -28.72 -18.02 -16.86
CA ARG D 189 -27.39 -17.92 -17.50
C ARG D 189 -27.42 -17.16 -18.83
N GLU D 190 -28.35 -17.52 -19.69
CA GLU D 190 -28.50 -16.85 -20.98
C GLU D 190 -28.67 -15.34 -20.79
N SER D 191 -29.52 -14.96 -19.83
CA SER D 191 -29.86 -13.56 -19.60
C SER D 191 -28.71 -12.82 -18.94
N LEU D 192 -28.14 -13.43 -17.91
CA LEU D 192 -27.09 -12.77 -17.16
C LEU D 192 -25.85 -12.58 -18.03
N SER D 194 -25.60 -12.37 -21.24
CA SER D 194 -25.86 -11.36 -22.25
C SER D 194 -25.69 -9.95 -21.68
N HIS D 195 -26.29 -9.70 -20.52
CA HIS D 195 -26.14 -8.42 -19.87
C HIS D 195 -24.71 -8.15 -19.42
N ALA D 196 -24.03 -9.20 -18.98
CA ALA D 196 -22.65 -9.12 -18.55
C ALA D 196 -21.73 -8.64 -19.69
N ILE D 197 -21.91 -9.23 -20.86
CA ILE D 197 -21.18 -8.85 -22.07
C ILE D 197 -21.18 -7.32 -22.25
N GLU D 198 -22.36 -6.71 -22.18
CA GLU D 198 -22.51 -5.26 -22.39
C GLU D 198 -21.71 -4.41 -21.41
N LEU D 199 -21.33 -4.96 -20.26
CA LEU D 199 -20.57 -4.21 -19.26
C LEU D 199 -19.05 -4.25 -19.44
N LYS D 200 -18.59 -4.96 -20.48
CA LYS D 200 -17.16 -5.05 -20.79
C LYS D 200 -16.50 -3.69 -20.99
N SER D 201 -17.25 -2.75 -21.56
CA SER D 201 -16.76 -1.39 -21.81
C SER D 201 -17.16 -0.46 -20.67
N SER D 203 -15.34 1.26 -18.38
CA SER D 203 -15.67 0.86 -17.01
C SER D 203 -14.42 0.90 -16.10
N ASN D 204 -14.64 0.86 -14.80
CA ASN D 204 -13.51 0.81 -13.89
C ASN D 204 -13.04 -0.62 -13.66
N LYS D 205 -11.83 -0.72 -13.10
CA LYS D 205 -11.21 -2.01 -12.83
C LYS D 205 -12.07 -2.86 -11.90
N ASN D 206 -12.76 -2.24 -10.95
CA ASN D 206 -13.55 -3.03 -10.02
C ASN D 206 -14.71 -3.75 -10.68
N ILE D 207 -15.36 -3.08 -11.63
CA ILE D 207 -16.42 -3.71 -12.39
C ILE D 207 -15.84 -4.85 -13.26
N HIS D 208 -14.68 -4.60 -13.85
CA HIS D 208 -14.02 -5.61 -14.68
C HIS D 208 -13.62 -6.83 -13.87
N ILE D 209 -13.11 -6.61 -12.66
CA ILE D 209 -12.76 -7.73 -11.77
C ILE D 209 -14.02 -8.55 -11.39
N ALA D 210 -15.11 -7.86 -11.05
CA ALA D 210 -16.38 -8.51 -10.76
C ALA D 210 -16.94 -9.31 -11.97
N LEU D 211 -16.84 -8.75 -13.17
CA LEU D 211 -17.28 -9.42 -14.40
C LEU D 211 -16.46 -10.68 -14.64
N ALA D 212 -15.15 -10.58 -14.40
CA ALA D 212 -14.22 -11.70 -14.57
C ALA D 212 -14.55 -12.80 -13.55
N THR D 213 -14.91 -12.40 -12.34
CA THR D 213 -15.25 -13.35 -11.31
C THR D 213 -16.58 -14.04 -11.59
N LEU D 214 -17.51 -13.32 -12.20
CA LEU D 214 -18.79 -13.90 -12.62
C LEU D 214 -18.52 -15.01 -13.64
N ALA D 215 -17.67 -14.72 -14.63
CA ALA D 215 -17.30 -15.71 -15.64
C ALA D 215 -16.62 -16.90 -14.98
N LEU D 216 -15.79 -16.62 -13.95
CA LEU D 216 -15.08 -17.68 -13.22
C LEU D 216 -16.09 -18.56 -12.48
N ASN D 217 -17.06 -17.94 -11.81
CA ASN D 217 -18.04 -18.74 -11.06
C ASN D 217 -18.96 -19.58 -11.95
N TYR D 218 -19.30 -19.05 -13.13
CA TYR D 218 -19.94 -19.85 -14.16
C TYR D 218 -19.07 -21.03 -14.61
N SER D 219 -17.79 -20.77 -14.85
N SER D 219 -17.79 -20.77 -14.85
CA SER D 219 -16.87 -21.84 -15.29
CA SER D 219 -16.87 -21.84 -15.29
C SER D 219 -16.80 -22.97 -14.26
C SER D 219 -16.81 -22.96 -14.26
N VAL D 220 -16.82 -22.59 -12.97
CA VAL D 220 -16.82 -23.59 -11.89
C VAL D 220 -18.04 -24.52 -12.02
N CYS D 221 -19.22 -23.95 -12.28
CA CYS D 221 -20.45 -24.73 -12.44
C CYS D 221 -20.38 -25.68 -13.64
N PHE D 222 -19.94 -25.17 -14.79
CA PHE D 222 -19.75 -25.98 -15.99
C PHE D 222 -18.69 -27.08 -15.80
N HIS D 223 -17.64 -26.76 -15.05
CA HIS D 223 -16.58 -27.74 -14.77
C HIS D 223 -17.12 -28.93 -13.98
N LYS D 224 -18.02 -28.62 -13.04
CA LYS D 224 -18.61 -29.58 -12.12
C LYS D 224 -19.67 -30.45 -12.80
N ASP D 225 -20.40 -29.83 -13.74
CA ASP D 225 -21.44 -30.51 -14.49
C ASP D 225 -21.06 -30.56 -15.97
N ILE D 228 -20.27 -28.52 -22.10
CA ILE D 228 -20.97 -29.42 -23.00
C ILE D 228 -22.08 -28.69 -23.75
N GLU D 229 -23.13 -28.29 -23.03
CA GLU D 229 -24.30 -27.64 -23.62
C GLU D 229 -24.13 -26.12 -23.74
N GLY D 230 -23.59 -25.49 -22.70
CA GLY D 230 -23.41 -24.04 -22.67
C GLY D 230 -22.00 -23.56 -22.39
N LYS D 231 -21.02 -24.46 -22.49
CA LYS D 231 -19.61 -24.11 -22.30
C LYS D 231 -19.06 -23.21 -23.40
N ALA D 232 -19.64 -23.33 -24.59
CA ALA D 232 -19.28 -22.48 -25.72
C ALA D 232 -19.67 -21.03 -25.46
N GLN D 233 -20.82 -20.84 -24.82
CA GLN D 233 -21.26 -19.52 -24.39
C GLN D 233 -20.34 -18.94 -23.31
N CYS D 234 -19.93 -19.79 -22.37
CA CYS D 234 -18.99 -19.38 -21.33
C CYS D 234 -17.64 -19.04 -21.93
N LEU D 235 -17.18 -19.84 -22.89
CA LEU D 235 -15.93 -19.55 -23.59
C LEU D 235 -16.01 -18.25 -24.38
N SER D 236 -17.11 -18.06 -25.10
CA SER D 236 -17.27 -16.79 -25.82
C SER D 236 -17.29 -15.61 -24.84
N LEU D 237 -17.91 -15.79 -23.66
CA LEU D 237 -17.95 -14.75 -22.63
C LEU D 237 -16.54 -14.39 -22.17
N ILE D 238 -15.76 -15.40 -21.82
CA ILE D 238 -14.40 -15.22 -21.32
C ILE D 238 -13.57 -14.51 -22.40
N SER D 239 -13.63 -15.02 -23.62
CA SER D 239 -12.86 -14.45 -24.70
C SER D 239 -13.18 -12.97 -24.98
N THR D 240 -14.46 -12.64 -25.07
CA THR D 240 -14.94 -11.28 -25.33
C THR D 240 -14.41 -10.30 -24.28
N ILE D 241 -14.53 -10.66 -23.00
CA ILE D 241 -14.09 -9.79 -21.92
C ILE D 241 -12.55 -9.66 -21.91
N LEU D 242 -11.84 -10.77 -22.08
CA LEU D 242 -10.38 -10.73 -22.20
C LEU D 242 -9.92 -9.70 -23.22
N GLU D 243 -10.57 -9.68 -24.39
CA GLU D 243 -10.20 -8.81 -25.52
C GLU D 243 -10.14 -7.32 -25.16
N VAL D 244 -10.98 -6.91 -24.20
CA VAL D 244 -11.13 -5.49 -23.89
C VAL D 244 -10.60 -5.12 -22.49
N VAL D 245 -10.59 -6.09 -21.57
CA VAL D 245 -10.14 -5.86 -20.20
C VAL D 245 -8.64 -5.48 -20.11
N GLN D 246 -8.34 -4.48 -19.29
CA GLN D 246 -6.97 -4.03 -19.05
C GLN D 246 -6.42 -4.48 -17.69
N ASP D 247 -7.22 -4.32 -16.64
CA ASP D 247 -6.81 -4.67 -15.28
C ASP D 247 -6.24 -6.09 -15.20
N LEU D 248 -5.05 -6.24 -14.65
CA LEU D 248 -4.41 -7.56 -14.62
C LEU D 248 -5.02 -8.54 -13.61
N GLU D 249 -5.68 -8.01 -12.58
CA GLU D 249 -6.45 -8.88 -11.68
C GLU D 249 -7.69 -9.45 -12.39
N ALA D 250 -8.37 -8.61 -13.17
CA ALA D 250 -9.46 -9.11 -14.01
C ALA D 250 -8.93 -10.15 -14.99
N THR D 251 -7.82 -9.83 -15.66
CA THR D 251 -7.22 -10.73 -16.64
C THR D 251 -6.87 -12.07 -16.01
N PHE D 252 -6.29 -12.03 -14.82
CA PHE D 252 -5.96 -13.24 -14.07
C PHE D 252 -7.19 -14.13 -13.83
N ARG D 253 -8.27 -13.53 -13.33
CA ARG D 253 -9.48 -14.28 -13.04
C ARG D 253 -10.08 -14.89 -14.29
N LEU D 254 -9.95 -14.19 -15.42
CA LEU D 254 -10.42 -14.70 -16.71
C LEU D 254 -9.61 -15.91 -17.16
N LEU D 255 -8.31 -15.91 -16.85
CA LEU D 255 -7.42 -17.04 -17.20
C LEU D 255 -7.75 -18.24 -16.33
N VAL D 256 -7.96 -17.97 -15.03
CA VAL D 256 -8.42 -18.98 -14.10
C VAL D 256 -9.79 -19.56 -14.59
N ALA D 257 -10.68 -18.68 -15.06
CA ALA D 257 -11.98 -19.12 -15.62
C ALA D 257 -11.77 -20.05 -16.83
N LEU D 258 -10.93 -19.61 -17.75
CA LEU D 258 -10.65 -20.36 -18.96
C LEU D 258 -10.06 -21.74 -18.62
N GLY D 259 -9.05 -21.75 -17.75
CA GLY D 259 -8.45 -23.03 -17.25
C GLY D 259 -9.47 -23.98 -16.63
N THR D 260 -10.31 -23.44 -15.75
CA THR D 260 -11.35 -24.21 -15.07
C THR D 260 -12.37 -24.77 -16.09
N LEU D 261 -12.74 -23.96 -17.06
CA LEU D 261 -13.73 -24.37 -18.06
C LEU D 261 -13.24 -25.55 -18.91
N ILE D 262 -11.96 -25.53 -19.29
CA ILE D 262 -11.42 -26.56 -20.19
C ILE D 262 -10.82 -27.78 -19.47
N SER D 263 -10.57 -27.68 -18.16
CA SER D 263 -9.96 -28.80 -17.42
C SER D 263 -10.78 -30.07 -17.50
N ASP D 264 -10.12 -31.17 -17.86
CA ASP D 264 -10.73 -32.50 -17.83
C ASP D 264 -11.79 -32.77 -18.89
N ASP D 265 -12.00 -31.81 -19.82
CA ASP D 265 -13.02 -31.94 -20.85
C ASP D 265 -12.40 -31.81 -22.25
N SER D 266 -12.16 -32.95 -22.90
CA SER D 266 -11.52 -32.97 -24.23
C SER D 266 -12.25 -32.15 -25.31
N ASN D 267 -13.57 -32.13 -25.22
CA ASN D 267 -14.41 -31.36 -26.14
C ASN D 267 -14.27 -29.84 -25.96
N ALA D 268 -14.20 -29.36 -24.71
CA ALA D 268 -14.02 -27.93 -24.44
C ALA D 268 -12.62 -27.53 -24.84
N VAL D 269 -11.66 -28.41 -24.56
CA VAL D 269 -10.28 -28.20 -24.98
C VAL D 269 -10.21 -28.07 -26.50
N GLN D 270 -10.90 -28.96 -27.23
CA GLN D 270 -10.87 -28.92 -28.70
C GLN D 270 -11.55 -27.67 -29.24
N LEU D 271 -12.61 -27.22 -28.56
CA LEU D 271 -13.30 -25.99 -28.96
C LEU D 271 -12.42 -24.76 -28.80
N ALA D 272 -11.72 -24.71 -27.67
CA ALA D 272 -10.79 -23.63 -27.39
C ALA D 272 -9.65 -23.63 -28.39
N LYS D 273 -9.09 -24.80 -28.69
CA LYS D 273 -8.01 -24.91 -29.67
C LYS D 273 -8.48 -24.43 -31.05
N SER D 274 -9.64 -24.92 -31.48
CA SER D 274 -10.18 -24.56 -32.79
C SER D 274 -10.48 -23.06 -32.88
N LEU D 275 -11.05 -22.49 -31.82
CA LEU D 275 -11.32 -21.05 -31.78
C LEU D 275 -10.04 -20.19 -31.75
N GLY D 276 -8.92 -20.83 -31.40
CA GLY D 276 -7.62 -20.13 -31.35
C GLY D 276 -7.46 -19.31 -30.09
N VAL D 277 -8.01 -19.81 -29.00
CA VAL D 277 -7.85 -19.16 -27.69
C VAL D 277 -6.36 -19.10 -27.34
N ASP D 278 -5.59 -20.10 -27.78
CA ASP D 278 -4.14 -20.07 -27.55
C ASP D 278 -3.47 -18.79 -28.09
N SER D 279 -3.80 -18.38 -29.32
CA SER D 279 -3.22 -17.15 -29.89
C SER D 279 -3.75 -15.91 -29.19
N GLN D 280 -4.99 -15.96 -28.72
CA GLN D 280 -5.57 -14.85 -27.95
C GLN D 280 -4.84 -14.60 -26.64
N ILE D 281 -4.44 -15.66 -25.94
CA ILE D 281 -3.84 -15.50 -24.61
C ILE D 281 -2.31 -15.52 -24.59
N LYS D 282 -1.69 -15.82 -25.73
CA LYS D 282 -0.23 -15.86 -25.86
C LYS D 282 0.41 -14.62 -25.24
N LYS D 283 -0.17 -13.47 -25.54
CA LYS D 283 0.21 -12.15 -25.04
C LYS D 283 0.46 -12.11 -23.53
N TYR D 284 -0.30 -12.89 -22.75
CA TYR D 284 -0.20 -12.75 -21.30
C TYR D 284 0.99 -13.49 -20.72
N SER D 285 1.58 -14.39 -21.51
CA SER D 285 2.81 -15.09 -21.13
C SER D 285 3.98 -14.12 -20.96
N SER D 286 3.96 -12.97 -21.66
CA SER D 286 5.04 -11.98 -21.51
C SER D 286 4.79 -10.86 -20.46
N VAL D 287 3.65 -10.94 -19.77
CA VAL D 287 3.34 -10.03 -18.66
C VAL D 287 4.28 -10.33 -17.49
N SER D 288 5.04 -9.33 -17.06
CA SER D 288 6.02 -9.50 -16.00
C SER D 288 5.44 -9.55 -14.58
N GLU D 289 4.57 -8.59 -14.27
CA GLU D 289 3.89 -8.62 -12.97
C GLU D 289 2.40 -8.26 -13.07
N PRO D 290 1.55 -8.96 -12.28
CA PRO D 290 1.95 -9.95 -11.29
C PRO D 290 2.33 -11.26 -11.97
N ALA D 291 3.22 -12.02 -11.34
CA ALA D 291 3.72 -13.28 -11.89
C ALA D 291 2.63 -14.31 -12.19
N LYS D 292 1.53 -14.25 -11.45
CA LYS D 292 0.49 -15.27 -11.53
C LYS D 292 -0.20 -15.25 -12.89
N VAL D 293 -0.15 -14.10 -13.57
CA VAL D 293 -0.79 -14.02 -14.88
C VAL D 293 -0.02 -14.92 -15.88
N SER D 294 1.29 -14.75 -16.00
CA SER D 294 2.01 -15.59 -16.95
C SER D 294 2.07 -17.09 -16.61
N GLU D 295 2.18 -17.40 -15.32
CA GLU D 295 2.18 -18.79 -14.84
C GLU D 295 0.83 -19.47 -15.12
N CYS D 296 -0.28 -18.79 -14.82
CA CYS D 296 -1.58 -19.35 -15.17
C CYS D 296 -1.66 -19.58 -16.69
N CYS D 297 -1.24 -18.59 -17.46
CA CYS D 297 -1.34 -18.67 -18.91
C CYS D 297 -0.59 -19.91 -19.45
N ARG D 298 0.59 -20.14 -18.92
CA ARG D 298 1.45 -21.23 -19.35
C ARG D 298 0.81 -22.60 -19.10
N PHE D 299 0.10 -22.77 -17.97
CA PHE D 299 -0.65 -24.01 -17.75
C PHE D 299 -1.82 -24.18 -18.71
N ILE D 300 -2.43 -23.07 -19.11
CA ILE D 300 -3.54 -23.15 -20.08
C ILE D 300 -2.97 -23.56 -21.43
N LEU D 301 -1.89 -22.91 -21.83
CA LEU D 301 -1.27 -23.18 -23.12
C LEU D 301 -0.78 -24.62 -23.25
N ASN D 302 -0.33 -25.21 -22.15
CA ASN D 302 0.07 -26.61 -22.17
C ASN D 302 -1.09 -27.57 -22.42
N LEU D 303 -2.31 -27.15 -22.11
CA LEU D 303 -3.49 -27.96 -22.42
C LEU D 303 -3.97 -27.72 -23.85
N LEU D 304 -3.66 -26.54 -24.37
CA LEU D 304 -3.98 -26.18 -25.74
C LEU D 304 -2.84 -26.54 -26.66
N LEU E 8 -4.88 7.88 1.47
CA LEU E 8 -5.73 9.11 1.32
C LEU E 8 -6.71 9.00 0.17
N TYR E 9 -6.25 8.47 -0.96
CA TYR E 9 -7.05 8.41 -2.18
C TYR E 9 -7.31 6.97 -2.61
N ASP F 7 14.92 -3.15 -5.08
CA ASP F 7 15.40 -4.56 -5.25
C ASP F 7 16.91 -4.69 -4.97
N LEU F 8 17.60 -3.56 -4.87
CA LEU F 8 19.05 -3.54 -4.70
C LEU F 8 19.57 -4.11 -3.36
N TYR F 9 18.88 -3.81 -2.27
CA TYR F 9 19.42 -4.01 -0.91
C TYR F 9 18.60 -4.98 -0.03
N GLY F 10 19.16 -5.45 1.08
CA GLY F 10 20.58 -5.24 1.46
C GLY F 10 20.81 -4.34 2.67
N LEU G 8 5.45 -10.12 3.31
CA LEU G 8 6.52 -11.13 3.55
C LEU G 8 7.26 -11.54 2.26
N TYR G 9 6.63 -11.27 1.11
CA TYR G 9 7.18 -11.66 -0.18
C TYR G 9 7.51 -10.41 -1.01
N GLY G 10 8.81 -10.09 -1.06
CA GLY G 10 9.31 -8.85 -1.67
C GLY G 10 8.93 -8.67 -3.13
N ASP H 7 -13.31 5.75 -4.02
CA ASP H 7 -13.99 4.42 -4.12
C ASP H 7 -15.45 4.50 -3.64
N LEU H 8 -15.83 3.57 -2.75
CA LEU H 8 -17.23 3.35 -2.38
C LEU H 8 -17.62 4.03 -1.07
N TYR H 9 -16.70 4.01 -0.09
CA TYR H 9 -16.89 4.73 1.17
C TYR H 9 -15.62 5.51 1.55
#